data_6B02
#
_entry.id   6B02
#
_cell.length_a   113.679
_cell.length_b   113.679
_cell.length_c   131.026
_cell.angle_alpha   90.000
_cell.angle_beta   90.000
_cell.angle_gamma   120.000
#
_symmetry.space_group_name_H-M   'P 31 2 1'
#
_entity_poly.entity_id   1
_entity_poly.type   'polypeptide(L)'
_entity_poly.pdbx_seq_one_letter_code
;TKKESFEDVLPSILNTITTNSELTEVPEVANWLKKVLEYNLAGGKKARGLTTLFAYEMLEKPENITEETIYLAKTLGWCV
EILQGFLVMLDDIMDGSTTRRGVPCWYQLPEVGLAAVNDSSLMFSSIFYVLHAHFADKKIYTNLVELFNESLMHTSIGQH
LDVTMERRQKSDYSLFTIERYNAIVKYKTAYYTYQLPVCLGMLLANISDPVLHQKAEDMCLEIGKFFQIQDDYIDCYGDE
SLTGKMGTDIQEAKCSWLAVMALQRCSASQKIVFTTCYGSKEPAHIERIKELYKQLQLPELYAQEETRMYESLIKQAHGL
PSELSPALFVRLIHMIYKRNH
;
_entity_poly.pdbx_strand_id   A,B
#
# COMPACT_ATOMS: atom_id res chain seq x y z
N THR A 1 -28.31 16.32 -10.33
CA THR A 1 -28.17 14.96 -9.71
C THR A 1 -26.98 14.17 -10.34
N LYS A 2 -25.75 14.62 -10.00
CA LYS A 2 -24.47 13.95 -10.37
C LYS A 2 -23.90 13.08 -9.25
N LYS A 3 -24.07 13.53 -8.02
CA LYS A 3 -23.62 12.79 -6.84
C LYS A 3 -24.41 11.48 -6.67
N GLU A 4 -25.72 11.55 -6.90
CA GLU A 4 -26.61 10.37 -6.94
C GLU A 4 -26.25 9.48 -8.13
N SER A 5 -25.85 10.10 -9.24
CA SER A 5 -25.38 9.37 -10.43
C SER A 5 -24.12 8.55 -10.14
N PHE A 6 -23.21 9.13 -9.35
CA PHE A 6 -21.92 8.52 -8.99
C PHE A 6 -22.08 7.37 -7.98
N GLU A 7 -22.74 7.67 -6.85
CA GLU A 7 -23.04 6.71 -5.75
C GLU A 7 -23.79 5.47 -6.17
N ASP A 8 -24.61 5.63 -7.22
CA ASP A 8 -25.38 4.57 -7.80
C ASP A 8 -24.49 3.39 -8.25
N VAL A 9 -23.34 3.66 -8.87
CA VAL A 9 -22.52 2.56 -9.45
C VAL A 9 -21.56 1.85 -8.47
N LEU A 10 -21.56 2.26 -7.20
CA LEU A 10 -20.65 1.65 -6.21
C LEU A 10 -20.87 0.15 -6.10
N PRO A 11 -22.15 -0.28 -5.93
CA PRO A 11 -22.36 -1.71 -5.81
C PRO A 11 -21.69 -2.50 -6.94
N SER A 12 -21.93 -2.14 -8.20
CA SER A 12 -21.34 -2.88 -9.32
C SER A 12 -19.80 -2.98 -9.24
N ILE A 13 -19.16 -1.90 -8.76
CA ILE A 13 -17.70 -1.86 -8.58
C ILE A 13 -17.27 -2.90 -7.55
N LEU A 14 -17.86 -2.86 -6.36
CA LEU A 14 -17.57 -3.81 -5.28
C LEU A 14 -17.76 -5.29 -5.72
N ASN A 15 -18.79 -5.56 -6.51
CA ASN A 15 -18.96 -6.90 -7.08
C ASN A 15 -17.78 -7.29 -7.92
N THR A 16 -17.33 -6.38 -8.78
CA THR A 16 -16.22 -6.65 -9.68
C THR A 16 -14.92 -6.93 -8.94
N ILE A 17 -14.75 -6.31 -7.76
CA ILE A 17 -13.62 -6.58 -6.84
C ILE A 17 -13.61 -8.05 -6.39
N THR A 18 -14.76 -8.53 -5.95
CA THR A 18 -14.90 -9.94 -5.59
C THR A 18 -14.77 -10.95 -6.79
N THR A 19 -15.86 -11.19 -7.52
CA THR A 19 -15.86 -11.97 -8.78
C THR A 19 -14.49 -12.42 -9.39
N ASN A 20 -14.06 -11.80 -10.51
CA ASN A 20 -13.09 -12.40 -11.47
C ASN A 20 -11.77 -12.91 -10.87
N SER A 21 -11.34 -12.24 -9.80
CA SER A 21 -10.07 -12.48 -9.15
C SER A 21 -10.05 -13.79 -8.33
N GLU A 22 -8.98 -13.94 -7.56
CA GLU A 22 -8.79 -15.05 -6.61
C GLU A 22 -9.77 -15.18 -5.44
N LEU A 23 -10.49 -14.11 -5.12
CA LEU A 23 -11.25 -14.06 -3.86
C LEU A 23 -12.46 -15.04 -3.86
N THR A 24 -12.76 -15.59 -5.04
CA THR A 24 -13.59 -16.80 -5.20
C THR A 24 -13.20 -17.94 -4.24
N GLU A 25 -11.90 -18.26 -4.16
CA GLU A 25 -11.42 -19.38 -3.32
C GLU A 25 -11.42 -19.07 -1.80
N VAL A 26 -11.29 -17.80 -1.44
CA VAL A 26 -11.37 -17.39 -0.05
C VAL A 26 -12.53 -16.40 0.07
N PRO A 27 -13.73 -16.91 0.39
CA PRO A 27 -14.86 -15.99 0.48
C PRO A 27 -14.76 -15.12 1.75
N GLU A 28 -14.22 -15.68 2.82
CA GLU A 28 -14.13 -14.94 4.07
C GLU A 28 -13.45 -13.57 3.84
N VAL A 29 -12.50 -13.55 2.91
CA VAL A 29 -11.64 -12.38 2.71
C VAL A 29 -12.25 -11.41 1.69
N ALA A 30 -13.11 -11.92 0.81
CA ALA A 30 -13.90 -11.08 -0.09
C ALA A 30 -14.90 -10.21 0.69
N ASN A 31 -15.64 -10.83 1.60
CA ASN A 31 -16.63 -10.12 2.41
C ASN A 31 -15.97 -9.11 3.34
N TRP A 32 -14.90 -9.50 4.01
CA TRP A 32 -14.16 -8.57 4.84
C TRP A 32 -13.69 -7.37 4.06
N LEU A 33 -13.37 -7.55 2.78
CA LEU A 33 -12.95 -6.43 1.92
C LEU A 33 -14.10 -5.44 1.64
N LYS A 34 -15.30 -5.98 1.38
CA LYS A 34 -16.50 -5.17 1.19
C LYS A 34 -16.65 -4.25 2.41
N LYS A 35 -16.73 -4.85 3.60
CA LYS A 35 -16.77 -4.14 4.89
C LYS A 35 -15.74 -2.99 5.11
N VAL A 36 -14.50 -3.22 4.72
CA VAL A 36 -13.44 -2.18 4.76
C VAL A 36 -13.70 -1.08 3.72
N LEU A 37 -14.25 -1.46 2.56
CA LEU A 37 -14.59 -0.48 1.56
C LEU A 37 -15.83 0.31 1.96
N GLU A 38 -16.94 -0.36 2.20
CA GLU A 38 -18.19 0.31 2.55
C GLU A 38 -18.00 1.32 3.72
N TYR A 39 -17.27 0.93 4.77
CA TYR A 39 -16.96 1.82 5.91
C TYR A 39 -15.95 2.95 5.63
N ASN A 40 -14.84 2.66 4.96
CA ASN A 40 -13.79 3.68 4.66
C ASN A 40 -14.08 4.61 3.45
N LEU A 41 -15.08 4.25 2.64
CA LEU A 41 -15.61 5.13 1.59
C LEU A 41 -16.83 5.97 2.02
N ALA A 42 -17.56 5.51 3.04
CA ALA A 42 -18.87 6.05 3.40
C ALA A 42 -18.95 7.57 3.53
N GLY A 43 -20.16 8.06 3.29
CA GLY A 43 -20.51 9.46 3.49
C GLY A 43 -19.76 10.35 2.54
N GLY A 44 -19.13 11.39 3.08
CA GLY A 44 -18.30 12.32 2.33
C GLY A 44 -18.91 13.01 1.11
N LYS A 45 -18.15 14.02 0.64
CA LYS A 45 -18.43 14.75 -0.59
C LYS A 45 -18.48 13.91 -1.91
N LYS A 46 -17.75 12.80 -1.96
CA LYS A 46 -17.48 12.09 -3.21
C LYS A 46 -16.96 13.06 -4.31
N ALA A 47 -15.98 13.88 -3.93
CA ALA A 47 -15.59 15.05 -4.74
C ALA A 47 -14.66 14.70 -5.90
N ARG A 48 -13.60 13.96 -5.60
CA ARG A 48 -12.57 13.64 -6.57
C ARG A 48 -13.12 12.71 -7.62
N GLY A 49 -14.01 11.82 -7.19
CA GLY A 49 -14.75 10.98 -8.10
C GLY A 49 -15.48 11.85 -9.10
N LEU A 50 -16.34 12.73 -8.57
CA LEU A 50 -17.13 13.65 -9.39
C LEU A 50 -16.31 14.51 -10.35
N THR A 51 -15.16 15.01 -9.91
CA THR A 51 -14.20 15.71 -10.78
C THR A 51 -13.68 14.81 -11.90
N THR A 52 -13.27 13.58 -11.56
CA THR A 52 -12.77 12.61 -12.55
C THR A 52 -13.79 12.38 -13.65
N LEU A 53 -15.05 12.24 -13.21
CA LEU A 53 -16.19 12.10 -14.10
C LEU A 53 -16.35 13.36 -14.95
N PHE A 54 -16.50 14.48 -14.24
CA PHE A 54 -16.72 15.79 -14.85
C PHE A 54 -15.60 16.11 -15.85
N ALA A 55 -14.37 15.86 -15.44
CA ALA A 55 -13.24 16.14 -16.28
C ALA A 55 -13.31 15.32 -17.56
N TYR A 56 -13.74 14.05 -17.48
CA TYR A 56 -13.91 13.23 -18.67
C TYR A 56 -14.99 13.80 -19.57
N GLU A 57 -16.17 13.98 -18.98
CA GLU A 57 -17.34 14.50 -19.70
C GLU A 57 -17.02 15.80 -20.42
N MET A 58 -16.26 16.66 -19.74
CA MET A 58 -15.86 17.95 -20.31
C MET A 58 -14.78 17.88 -21.41
N LEU A 59 -13.89 16.91 -21.33
CA LEU A 59 -12.74 16.83 -22.23
C LEU A 59 -13.08 16.17 -23.53
N GLU A 60 -14.01 15.22 -23.47
CA GLU A 60 -14.29 14.33 -24.59
C GLU A 60 -15.20 15.05 -25.56
N LYS A 61 -15.06 14.70 -26.85
CA LYS A 61 -15.98 15.16 -27.89
C LYS A 61 -17.33 14.43 -27.73
N PRO A 62 -18.44 15.14 -27.37
CA PRO A 62 -19.69 14.47 -26.88
C PRO A 62 -20.23 13.31 -27.73
N GLU A 63 -19.99 13.32 -29.04
CA GLU A 63 -20.36 12.20 -29.91
C GLU A 63 -19.93 10.83 -29.30
N ASN A 64 -18.73 10.77 -28.73
CA ASN A 64 -18.20 9.51 -28.16
C ASN A 64 -18.66 9.16 -26.75
N ILE A 65 -19.20 10.12 -25.97
CA ILE A 65 -19.77 9.83 -24.63
C ILE A 65 -20.92 8.82 -24.72
N THR A 66 -20.62 7.55 -24.44
CA THR A 66 -21.61 6.45 -24.40
C THR A 66 -22.02 6.16 -22.96
N GLU A 67 -23.05 5.33 -22.82
CA GLU A 67 -23.46 4.80 -21.51
C GLU A 67 -22.35 4.01 -20.83
N GLU A 68 -21.54 3.34 -21.65
CA GLU A 68 -20.38 2.59 -21.18
C GLU A 68 -19.29 3.50 -20.62
N THR A 69 -18.85 4.50 -21.38
CA THR A 69 -17.73 5.33 -20.97
C THR A 69 -18.09 6.14 -19.73
N ILE A 70 -19.34 6.58 -19.62
CA ILE A 70 -19.84 7.20 -18.37
C ILE A 70 -19.53 6.32 -17.14
N TYR A 71 -19.81 5.02 -17.27
CA TYR A 71 -19.44 4.02 -16.26
C TYR A 71 -17.91 3.97 -16.10
N LEU A 72 -17.17 3.58 -17.14
CA LEU A 72 -15.70 3.56 -17.13
C LEU A 72 -15.12 4.70 -16.33
N ALA A 73 -15.62 5.91 -16.60
CA ALA A 73 -15.17 7.12 -15.96
C ALA A 73 -15.45 7.07 -14.49
N LYS A 74 -16.72 6.85 -14.10
CA LYS A 74 -17.09 6.73 -12.66
C LYS A 74 -16.17 5.76 -11.88
N THR A 75 -16.06 4.55 -12.39
CA THR A 75 -15.03 3.59 -12.02
C THR A 75 -13.64 4.22 -11.69
N LEU A 76 -13.04 4.95 -12.62
CA LEU A 76 -11.78 5.66 -12.37
C LEU A 76 -11.95 6.73 -11.29
N GLY A 77 -13.13 7.35 -11.26
CA GLY A 77 -13.50 8.18 -10.11
C GLY A 77 -13.34 7.42 -8.80
N TRP A 78 -14.04 6.30 -8.68
CA TRP A 78 -14.02 5.45 -7.47
C TRP A 78 -12.63 4.92 -7.07
N CYS A 79 -11.84 4.57 -8.07
CA CYS A 79 -10.46 4.20 -7.80
C CYS A 79 -9.76 5.33 -7.07
N VAL A 80 -10.14 6.56 -7.40
CA VAL A 80 -9.66 7.74 -6.70
C VAL A 80 -10.22 7.86 -5.26
N GLU A 81 -11.51 7.66 -5.04
CA GLU A 81 -12.07 7.68 -3.67
C GLU A 81 -11.39 6.60 -2.84
N ILE A 82 -11.21 5.41 -3.44
CA ILE A 82 -10.45 4.31 -2.79
C ILE A 82 -9.05 4.81 -2.37
N LEU A 83 -8.31 5.43 -3.29
CA LEU A 83 -7.07 6.06 -2.94
C LEU A 83 -7.28 7.03 -1.77
N GLN A 84 -8.31 7.88 -1.82
CA GLN A 84 -8.55 8.80 -0.71
C GLN A 84 -8.74 8.04 0.59
N GLY A 85 -9.82 7.28 0.69
CA GLY A 85 -10.15 6.54 1.93
C GLY A 85 -8.97 5.82 2.60
N PHE A 86 -8.07 5.32 1.75
CA PHE A 86 -6.80 4.73 2.13
C PHE A 86 -5.95 5.71 2.90
N LEU A 87 -5.74 6.86 2.28
CA LEU A 87 -4.81 7.87 2.77
C LEU A 87 -5.28 8.40 4.10
N VAL A 88 -6.56 8.74 4.16
CA VAL A 88 -7.15 9.18 5.42
C VAL A 88 -7.01 8.14 6.57
N MET A 89 -7.45 6.89 6.33
CA MET A 89 -7.32 5.77 7.31
C MET A 89 -5.92 5.63 7.93
N LEU A 90 -4.87 5.94 7.15
CA LEU A 90 -3.48 5.99 7.63
C LEU A 90 -3.16 7.32 8.35
N ASP A 91 -3.58 8.42 7.72
CA ASP A 91 -3.44 9.79 8.28
C ASP A 91 -4.14 9.97 9.66
N ASP A 92 -5.13 9.12 9.96
CA ASP A 92 -5.67 9.01 11.30
C ASP A 92 -4.69 8.29 12.20
N ILE A 93 -4.29 7.09 11.80
CA ILE A 93 -3.38 6.26 12.60
C ILE A 93 -2.12 7.02 13.03
N MET A 94 -1.39 7.54 12.05
CA MET A 94 -0.20 8.34 12.32
C MET A 94 -0.46 9.61 13.17
N ASP A 95 -1.58 10.31 12.94
CA ASP A 95 -1.97 11.50 13.70
C ASP A 95 -3.00 11.15 14.75
N GLY A 96 -2.66 10.20 15.63
CA GLY A 96 -3.55 9.62 16.66
C GLY A 96 -5.04 9.95 16.67
N SER A 97 -5.64 10.16 15.50
CA SER A 97 -6.98 10.75 15.38
C SER A 97 -8.00 9.73 15.87
N THR A 98 -9.21 10.21 16.13
CA THR A 98 -10.24 9.39 16.80
C THR A 98 -11.49 9.24 15.92
N THR A 99 -11.96 10.35 15.36
CA THR A 99 -13.12 10.36 14.49
C THR A 99 -12.82 11.11 13.19
N ARG A 100 -13.55 10.72 12.13
CA ARG A 100 -13.50 11.37 10.82
C ARG A 100 -14.86 11.20 10.15
N ARG A 101 -15.28 12.21 9.36
CA ARG A 101 -16.64 12.32 8.77
C ARG A 101 -17.77 11.87 9.71
N GLY A 102 -17.71 12.34 10.97
CA GLY A 102 -18.75 12.09 11.97
C GLY A 102 -18.64 10.82 12.82
N VAL A 103 -17.96 9.80 12.31
CA VAL A 103 -17.95 8.43 12.88
C VAL A 103 -16.57 8.13 13.48
N PRO A 104 -16.44 7.02 14.25
CA PRO A 104 -15.10 6.55 14.69
C PRO A 104 -14.15 6.22 13.52
N CYS A 105 -12.86 6.53 13.65
CA CYS A 105 -11.85 6.11 12.66
C CYS A 105 -11.82 4.59 12.58
N TRP A 106 -11.41 4.05 11.44
CA TRP A 106 -11.51 2.60 11.23
C TRP A 106 -10.67 1.85 12.31
N TYR A 107 -9.44 2.32 12.52
CA TYR A 107 -8.55 1.64 13.47
C TYR A 107 -9.03 1.63 14.93
N GLN A 108 -9.79 2.66 15.32
CA GLN A 108 -10.34 2.77 16.70
C GLN A 108 -11.47 1.77 17.00
N LEU A 109 -12.02 1.13 15.99
CA LEU A 109 -13.02 0.07 16.19
C LEU A 109 -12.47 -1.05 17.09
N PRO A 110 -13.36 -1.89 17.67
CA PRO A 110 -12.88 -2.84 18.68
C PRO A 110 -12.06 -3.97 18.08
N GLU A 111 -12.67 -4.74 17.19
CA GLU A 111 -12.04 -5.92 16.59
C GLU A 111 -10.81 -5.54 15.74
N VAL A 112 -10.87 -4.39 15.08
CA VAL A 112 -9.85 -3.96 14.10
C VAL A 112 -8.50 -3.69 14.74
N GLY A 113 -8.42 -2.64 15.55
CA GLY A 113 -7.16 -2.28 16.18
C GLY A 113 -6.15 -1.88 15.15
N LEU A 114 -4.91 -2.35 15.30
CA LEU A 114 -3.80 -2.01 14.38
C LEU A 114 -3.73 -2.86 13.09
N ALA A 115 -4.61 -3.86 12.97
CA ALA A 115 -4.85 -4.57 11.68
C ALA A 115 -5.16 -3.63 10.52
N ALA A 116 -5.70 -2.46 10.84
CA ALA A 116 -6.02 -1.43 9.87
C ALA A 116 -4.92 -1.15 8.83
N VAL A 117 -3.65 -1.30 9.23
CA VAL A 117 -2.54 -1.18 8.27
C VAL A 117 -2.71 -2.19 7.15
N ASN A 118 -3.05 -3.45 7.48
CA ASN A 118 -3.29 -4.50 6.49
C ASN A 118 -4.52 -4.18 5.63
N ASP A 119 -5.63 -3.92 6.32
CA ASP A 119 -6.87 -3.47 5.69
C ASP A 119 -6.64 -2.34 4.68
N SER A 120 -5.74 -1.41 5.03
CA SER A 120 -5.31 -0.35 4.10
C SER A 120 -4.75 -0.93 2.82
N SER A 121 -3.76 -1.82 2.96
CA SER A 121 -3.07 -2.45 1.83
C SER A 121 -4.04 -3.20 0.91
N LEU A 122 -4.96 -3.96 1.52
CA LEU A 122 -6.06 -4.59 0.78
C LEU A 122 -6.85 -3.53 0.01
N MET A 123 -7.19 -2.43 0.67
CA MET A 123 -7.95 -1.34 0.03
C MET A 123 -7.27 -0.87 -1.24
N PHE A 124 -6.00 -0.49 -1.09
CA PHE A 124 -5.24 0.06 -2.19
C PHE A 124 -5.21 -0.95 -3.31
N SER A 125 -4.88 -2.20 -2.97
CA SER A 125 -4.71 -3.22 -4.00
C SER A 125 -5.94 -3.50 -4.85
N SER A 126 -7.13 -3.22 -4.31
CA SER A 126 -8.43 -3.34 -5.01
C SER A 126 -8.50 -2.54 -6.30
N ILE A 127 -7.90 -1.35 -6.27
CA ILE A 127 -7.81 -0.49 -7.44
C ILE A 127 -7.37 -1.31 -8.65
N PHE A 128 -6.37 -2.16 -8.48
CA PHE A 128 -5.77 -2.88 -9.60
C PHE A 128 -6.61 -4.03 -10.13
N TYR A 129 -7.45 -4.58 -9.27
CA TYR A 129 -8.44 -5.54 -9.66
C TYR A 129 -9.49 -4.85 -10.54
N VAL A 130 -9.97 -3.70 -10.10
CA VAL A 130 -10.91 -2.90 -10.89
C VAL A 130 -10.27 -2.51 -12.23
N LEU A 131 -9.03 -2.06 -12.19
CA LEU A 131 -8.40 -1.66 -13.43
C LEU A 131 -8.32 -2.83 -14.44
N HIS A 132 -7.98 -4.02 -13.97
CA HIS A 132 -7.83 -5.17 -14.84
C HIS A 132 -9.16 -5.53 -15.44
N ALA A 133 -10.22 -5.44 -14.65
CA ALA A 133 -11.55 -5.81 -15.10
C ALA A 133 -11.96 -5.04 -16.35
N HIS A 134 -12.06 -3.72 -16.22
CA HIS A 134 -12.64 -2.88 -17.26
C HIS A 134 -11.65 -2.38 -18.31
N PHE A 135 -10.34 -2.46 -18.05
CA PHE A 135 -9.32 -1.88 -18.95
C PHE A 135 -8.21 -2.83 -19.37
N ALA A 136 -8.33 -4.14 -19.09
CA ALA A 136 -7.21 -5.04 -19.36
C ALA A 136 -6.74 -4.95 -20.83
N ASP A 137 -7.71 -4.84 -21.75
CA ASP A 137 -7.46 -4.98 -23.18
C ASP A 137 -7.19 -3.67 -23.94
N LYS A 138 -7.01 -2.57 -23.22
CA LYS A 138 -7.01 -1.24 -23.84
C LYS A 138 -5.63 -0.59 -23.81
N LYS A 139 -5.31 0.10 -24.91
CA LYS A 139 -4.01 0.79 -25.08
C LYS A 139 -3.58 1.43 -23.75
N ILE A 140 -4.45 2.30 -23.22
CA ILE A 140 -4.13 3.12 -22.06
C ILE A 140 -3.66 2.28 -20.86
N TYR A 141 -4.46 1.26 -20.50
CA TYR A 141 -4.26 0.38 -19.32
C TYR A 141 -2.94 0.51 -18.58
N THR A 142 -1.86 -0.04 -19.12
CA THR A 142 -0.48 0.21 -18.65
C THR A 142 -0.28 1.60 -17.97
N ASN A 143 -0.74 2.65 -18.64
CA ASN A 143 -0.66 4.04 -18.14
C ASN A 143 -1.53 4.32 -16.90
N LEU A 144 -2.74 3.76 -16.85
CA LEU A 144 -3.59 3.85 -15.66
C LEU A 144 -2.93 3.24 -14.43
N VAL A 145 -2.29 2.10 -14.65
CA VAL A 145 -1.62 1.35 -13.59
C VAL A 145 -0.43 2.19 -13.11
N GLU A 146 0.58 2.35 -13.97
CA GLU A 146 1.73 3.26 -13.74
C GLU A 146 1.33 4.50 -12.96
N LEU A 147 0.26 5.15 -13.42
CA LEU A 147 -0.28 6.37 -12.85
C LEU A 147 -0.78 6.14 -11.44
N PHE A 148 -1.58 5.08 -11.27
CA PHE A 148 -2.09 4.73 -9.93
C PHE A 148 -1.00 4.31 -8.96
N ASN A 149 0.12 3.80 -9.49
CA ASN A 149 1.31 3.55 -8.69
C ASN A 149 2.07 4.80 -8.30
N GLU A 150 2.26 5.69 -9.25
CA GLU A 150 2.84 6.99 -8.95
C GLU A 150 2.02 7.62 -7.90
N SER A 151 0.71 7.48 -8.02
CA SER A 151 -0.21 8.15 -7.11
C SER A 151 0.13 7.87 -5.66
N LEU A 152 0.37 6.60 -5.35
CA LEU A 152 0.79 6.20 -4.01
C LEU A 152 2.12 6.82 -3.61
N MET A 153 3.04 6.98 -4.55
CA MET A 153 4.33 7.57 -4.22
C MET A 153 4.11 9.03 -3.90
N HIS A 154 3.64 9.77 -4.90
CA HIS A 154 3.36 11.21 -4.78
C HIS A 154 2.66 11.50 -3.49
N THR A 155 1.59 10.76 -3.22
CA THR A 155 0.86 10.99 -2.02
C THR A 155 1.74 10.70 -0.80
N SER A 156 2.23 9.49 -0.66
CA SER A 156 3.00 9.15 0.55
C SER A 156 4.26 10.02 0.79
N ILE A 157 4.78 10.67 -0.27
CA ILE A 157 5.68 11.81 -0.07
C ILE A 157 4.95 12.96 0.66
N GLY A 158 3.82 13.40 0.11
CA GLY A 158 2.94 14.36 0.76
C GLY A 158 2.77 14.00 2.22
N GLN A 159 2.17 12.84 2.49
CA GLN A 159 1.98 12.36 3.87
C GLN A 159 3.25 12.46 4.73
N HIS A 160 4.40 12.16 4.13
CA HIS A 160 5.67 12.19 4.85
C HIS A 160 6.08 13.59 5.29
N LEU A 161 5.91 14.56 4.41
CA LEU A 161 6.23 15.93 4.72
C LEU A 161 5.33 16.43 5.86
N ASP A 162 4.07 16.01 5.88
CA ASP A 162 3.13 16.46 6.91
C ASP A 162 3.41 15.78 8.27
N VAL A 163 3.64 14.47 8.26
CA VAL A 163 3.87 13.72 9.51
C VAL A 163 5.30 13.87 10.04
N THR A 164 6.20 14.45 9.26
CA THR A 164 7.58 14.71 9.67
C THR A 164 7.73 16.16 10.12
N MET A 165 6.97 17.08 9.50
CA MET A 165 6.89 18.44 10.02
C MET A 165 6.21 18.48 11.38
N GLU A 166 5.07 17.81 11.52
CA GLU A 166 4.31 17.83 12.76
C GLU A 166 4.55 16.56 13.55
N ARG A 167 5.80 16.40 13.96
CA ARG A 167 6.23 15.31 14.83
C ARG A 167 7.45 15.66 15.72
N ARG A 168 8.13 16.80 15.54
CA ARG A 168 9.32 17.13 16.35
C ARG A 168 9.42 18.61 16.76
N GLN A 169 9.97 18.84 17.96
CA GLN A 169 10.16 20.15 18.60
C GLN A 169 8.86 20.98 18.62
N LYS A 170 8.09 20.89 19.71
CA LYS A 170 6.72 21.45 19.71
C LYS A 170 6.69 23.00 19.71
N SER A 171 7.66 23.62 20.38
CA SER A 171 7.82 25.09 20.32
C SER A 171 8.53 25.61 19.04
N ASP A 172 9.20 24.72 18.28
CA ASP A 172 9.92 25.06 17.04
C ASP A 172 9.06 25.02 15.75
N TYR A 173 8.84 26.19 15.16
CA TYR A 173 8.06 26.32 13.92
C TYR A 173 8.94 26.81 12.77
N SER A 174 10.25 26.58 12.88
CA SER A 174 11.18 27.02 11.83
C SER A 174 10.88 26.38 10.48
N LEU A 175 10.18 25.24 10.46
CA LEU A 175 9.74 24.62 9.20
C LEU A 175 8.40 25.12 8.65
N PHE A 176 7.72 26.05 9.35
CA PHE A 176 6.45 26.61 8.88
C PHE A 176 6.70 27.69 7.82
N THR A 177 7.11 27.25 6.65
CA THR A 177 7.56 28.13 5.62
C THR A 177 6.71 27.93 4.38
N ILE A 178 6.43 29.02 3.69
CA ILE A 178 5.68 28.98 2.45
C ILE A 178 6.33 27.95 1.52
N GLU A 179 7.66 27.96 1.35
CA GLU A 179 8.32 27.01 0.46
C GLU A 179 7.82 25.58 0.79
N ARG A 180 7.82 25.23 2.08
CA ARG A 180 7.45 23.89 2.53
C ARG A 180 5.93 23.59 2.70
N TYR A 181 5.14 24.59 3.07
CA TYR A 181 3.68 24.48 3.05
C TYR A 181 3.28 24.01 1.67
N ASN A 182 3.88 24.65 0.66
CA ASN A 182 3.53 24.43 -0.73
C ASN A 182 3.94 23.09 -1.27
N ALA A 183 5.07 22.57 -0.79
CA ALA A 183 5.47 21.21 -1.15
C ALA A 183 4.45 20.23 -0.63
N ILE A 184 4.14 20.37 0.67
CA ILE A 184 3.11 19.58 1.34
C ILE A 184 1.85 19.48 0.49
N VAL A 185 1.30 20.62 0.04
CA VAL A 185 -0.03 20.65 -0.61
C VAL A 185 0.03 20.08 -2.05
N LYS A 186 1.12 20.37 -2.76
CA LYS A 186 1.39 19.84 -4.09
C LYS A 186 1.26 18.33 -4.13
N TYR A 187 1.97 17.67 -3.22
CA TYR A 187 2.02 16.22 -3.20
C TYR A 187 0.75 15.59 -2.54
N LYS A 188 0.35 16.11 -1.37
CA LYS A 188 -0.72 15.47 -0.57
C LYS A 188 -2.15 15.79 -1.04
N THR A 189 -2.39 16.93 -1.70
CA THR A 189 -3.78 17.41 -1.97
C THR A 189 -3.97 17.76 -3.43
N ALA A 190 -3.28 18.81 -3.88
CA ALA A 190 -3.32 19.23 -5.27
C ALA A 190 -3.28 18.05 -6.22
N TYR A 191 -2.29 17.17 -6.03
CA TYR A 191 -2.12 15.95 -6.84
C TYR A 191 -3.40 15.12 -7.00
N TYR A 192 -3.92 14.63 -5.88
CA TYR A 192 -5.02 13.68 -5.90
C TYR A 192 -6.41 14.33 -5.94
N THR A 193 -6.49 15.66 -5.86
CA THR A 193 -7.78 16.38 -5.90
C THR A 193 -8.08 16.90 -7.29
N TYR A 194 -7.05 17.23 -8.05
CA TYR A 194 -7.23 17.82 -9.38
C TYR A 194 -6.37 17.18 -10.44
N GLN A 195 -5.06 17.17 -10.18
CA GLN A 195 -4.04 16.66 -11.08
C GLN A 195 -4.36 15.27 -11.55
N LEU A 196 -4.80 14.44 -10.60
CA LEU A 196 -5.13 13.06 -10.91
C LEU A 196 -6.43 12.94 -11.68
N PRO A 197 -7.57 13.31 -11.06
CA PRO A 197 -8.85 13.12 -11.76
C PRO A 197 -8.88 13.63 -13.19
N VAL A 198 -8.26 14.79 -13.43
CA VAL A 198 -8.07 15.30 -14.79
C VAL A 198 -7.19 14.37 -15.61
N CYS A 199 -6.02 14.02 -15.09
CA CYS A 199 -5.09 13.18 -15.86
C CYS A 199 -5.78 11.87 -16.26
N LEU A 200 -6.67 11.40 -15.39
CA LEU A 200 -7.53 10.26 -15.68
C LEU A 200 -8.55 10.52 -16.78
N GLY A 201 -9.21 11.67 -16.75
CA GLY A 201 -10.11 12.07 -17.83
C GLY A 201 -9.36 12.16 -19.15
N MET A 202 -8.19 12.77 -19.10
CA MET A 202 -7.39 12.96 -20.29
C MET A 202 -7.04 11.64 -20.94
N LEU A 203 -6.73 10.64 -20.12
CA LEU A 203 -6.46 9.30 -20.64
C LEU A 203 -7.71 8.68 -21.27
N LEU A 204 -8.83 8.76 -20.56
CA LEU A 204 -10.04 8.04 -20.97
C LEU A 204 -10.43 8.57 -22.34
N ALA A 205 -10.27 9.88 -22.54
CA ALA A 205 -10.47 10.54 -23.84
C ALA A 205 -9.17 10.66 -24.62
N ASN A 206 -8.55 9.53 -24.96
CA ASN A 206 -7.28 9.44 -25.73
C ASN A 206 -6.55 10.74 -26.10
N ILE A 207 -6.24 11.54 -25.08
CA ILE A 207 -5.38 12.73 -25.20
C ILE A 207 -3.97 12.37 -24.73
N SER A 208 -2.98 12.63 -25.58
CA SER A 208 -1.62 12.08 -25.43
C SER A 208 -0.44 13.07 -25.50
N ASP A 209 -0.60 14.27 -26.07
CA ASP A 209 0.55 15.17 -26.33
C ASP A 209 1.17 15.61 -25.00
N PRO A 210 2.46 15.25 -24.74
CA PRO A 210 3.05 15.54 -23.43
C PRO A 210 3.11 17.03 -23.06
N VAL A 211 3.16 17.93 -24.06
CA VAL A 211 2.96 19.36 -23.81
C VAL A 211 1.57 19.63 -23.24
N LEU A 212 0.54 19.05 -23.87
CA LEU A 212 -0.84 19.22 -23.41
C LEU A 212 -0.99 18.71 -21.97
N HIS A 213 -0.47 17.50 -21.73
CA HIS A 213 -0.41 16.92 -20.38
C HIS A 213 0.18 17.92 -19.39
N GLN A 214 1.31 18.54 -19.75
CA GLN A 214 1.97 19.51 -18.86
C GLN A 214 1.06 20.68 -18.45
N LYS A 215 0.35 21.25 -19.41
CA LYS A 215 -0.32 22.53 -19.17
C LYS A 215 -1.45 22.27 -18.21
N ALA A 216 -2.05 21.09 -18.34
CA ALA A 216 -3.07 20.63 -17.39
C ALA A 216 -2.49 20.36 -16.00
N GLU A 217 -1.30 19.76 -15.95
CA GLU A 217 -0.62 19.53 -14.70
C GLU A 217 -0.48 20.84 -13.96
N ASP A 218 0.02 21.87 -14.65
CA ASP A 218 0.27 23.18 -14.02
C ASP A 218 -1.03 23.76 -13.58
N MET A 219 -2.00 23.75 -14.49
CA MET A 219 -3.31 24.28 -14.20
C MET A 219 -3.80 23.67 -12.87
N CYS A 220 -3.80 22.33 -12.82
CA CYS A 220 -4.33 21.63 -11.65
C CYS A 220 -3.64 22.00 -10.33
N LEU A 221 -2.33 22.17 -10.33
CA LEU A 221 -1.65 22.56 -9.09
C LEU A 221 -1.97 23.99 -8.64
N GLU A 222 -2.18 24.88 -9.59
CA GLU A 222 -2.50 26.25 -9.24
C GLU A 222 -3.88 26.24 -8.60
N ILE A 223 -4.75 25.36 -9.11
CA ILE A 223 -6.10 25.21 -8.57
C ILE A 223 -5.99 24.54 -7.21
N GLY A 224 -5.13 23.53 -7.09
CA GLY A 224 -4.93 22.84 -5.81
C GLY A 224 -4.42 23.77 -4.72
N LYS A 225 -3.33 24.49 -5.06
CA LYS A 225 -2.73 25.53 -4.20
C LYS A 225 -3.78 26.46 -3.64
N PHE A 226 -4.69 26.89 -4.52
CA PHE A 226 -5.81 27.77 -4.22
C PHE A 226 -6.83 27.07 -3.35
N PHE A 227 -7.30 25.91 -3.82
CA PHE A 227 -8.27 25.07 -3.10
C PHE A 227 -7.89 25.02 -1.63
N GLN A 228 -6.61 24.72 -1.37
CA GLN A 228 -6.18 24.46 -0.01
C GLN A 228 -6.10 25.74 0.85
N ILE A 229 -5.81 26.88 0.23
CA ILE A 229 -5.70 28.15 0.98
C ILE A 229 -7.06 28.51 1.54
N GLN A 230 -8.10 28.30 0.74
CA GLN A 230 -9.49 28.43 1.19
C GLN A 230 -9.76 27.59 2.43
N ASP A 231 -9.64 26.27 2.28
CA ASP A 231 -9.88 25.34 3.38
C ASP A 231 -9.16 25.85 4.63
N ASP A 232 -7.89 26.24 4.50
CA ASP A 232 -7.10 26.74 5.64
C ASP A 232 -7.71 27.97 6.30
N TYR A 233 -8.30 28.85 5.48
CA TYR A 233 -8.97 30.06 5.97
C TYR A 233 -10.24 29.73 6.73
N ILE A 234 -11.13 29.01 6.04
CA ILE A 234 -12.43 28.57 6.57
C ILE A 234 -12.30 27.83 7.93
N ASP A 235 -11.29 26.97 8.05
CA ASP A 235 -11.01 26.24 9.31
C ASP A 235 -10.65 27.15 10.52
N CYS A 236 -10.36 28.43 10.26
CA CYS A 236 -10.20 29.41 11.32
C CYS A 236 -11.42 30.32 11.43
N TYR A 237 -11.81 30.92 10.31
CA TYR A 237 -12.92 31.85 10.24
C TYR A 237 -14.18 31.22 9.62
N GLY A 238 -14.39 29.93 9.86
CA GLY A 238 -15.61 29.28 9.41
C GLY A 238 -16.78 29.68 10.27
N ASP A 239 -17.94 29.76 9.63
CA ASP A 239 -19.22 29.71 10.31
C ASP A 239 -19.38 28.24 10.75
N GLU A 240 -19.40 27.99 12.06
CA GLU A 240 -19.48 26.60 12.61
C GLU A 240 -20.62 25.77 11.97
N SER A 241 -21.81 26.38 11.90
CA SER A 241 -23.00 25.77 11.29
C SER A 241 -22.87 25.45 9.79
N LEU A 242 -21.88 26.05 9.12
CA LEU A 242 -21.60 25.84 7.70
C LEU A 242 -20.20 25.23 7.56
N GLY A 247 -13.46 23.96 13.24
CA GLY A 247 -12.24 23.27 12.81
C GLY A 247 -11.11 23.31 13.83
N THR A 248 -10.21 22.33 13.77
CA THR A 248 -9.14 22.20 14.77
C THR A 248 -7.71 22.51 14.25
N ASP A 249 -7.60 23.43 13.29
CA ASP A 249 -6.29 23.78 12.73
C ASP A 249 -5.36 24.32 13.82
N ILE A 250 -5.84 25.33 14.55
CA ILE A 250 -5.06 25.95 15.61
C ILE A 250 -4.66 24.93 16.72
N GLN A 251 -5.59 24.05 17.09
CA GLN A 251 -5.36 23.10 18.21
C GLN A 251 -4.42 21.97 17.84
N GLU A 252 -4.64 21.42 16.64
CA GLU A 252 -3.76 20.39 16.07
C GLU A 252 -2.38 20.92 15.61
N ALA A 253 -2.12 22.23 15.79
CA ALA A 253 -0.82 22.84 15.48
C ALA A 253 -0.47 22.66 14.01
N LYS A 254 -1.47 22.87 13.15
CA LYS A 254 -1.34 22.63 11.70
C LYS A 254 -0.47 23.69 11.07
N CYS A 255 0.29 23.27 10.07
CA CYS A 255 0.87 24.20 9.12
C CYS A 255 -0.21 24.61 8.12
N SER A 256 -0.99 25.60 8.54
CA SER A 256 -2.02 26.21 7.72
C SER A 256 -1.42 27.43 7.08
N TRP A 257 -1.91 27.77 5.90
CA TRP A 257 -1.56 29.02 5.25
C TRP A 257 -1.54 30.21 6.23
N LEU A 258 -2.56 30.34 7.06
CA LEU A 258 -2.60 31.42 8.05
C LEU A 258 -1.40 31.40 8.99
N ALA A 259 -1.01 30.22 9.47
CA ALA A 259 0.11 30.13 10.42
C ALA A 259 1.40 30.56 9.76
N VAL A 260 1.60 30.10 8.53
CA VAL A 260 2.79 30.41 7.74
C VAL A 260 2.87 31.91 7.49
N MET A 261 1.73 32.47 7.11
CA MET A 261 1.60 33.91 6.88
C MET A 261 1.74 34.75 8.16
N ALA A 262 1.19 34.24 9.25
CA ALA A 262 1.36 34.84 10.56
C ALA A 262 2.83 35.00 10.87
N LEU A 263 3.55 33.91 10.74
CA LEU A 263 4.97 33.89 11.06
C LEU A 263 5.89 34.74 10.16
N GLN A 264 5.45 35.10 8.95
CA GLN A 264 6.19 36.09 8.14
C GLN A 264 6.02 37.46 8.78
N ARG A 265 4.79 37.73 9.25
CA ARG A 265 4.38 39.07 9.69
C ARG A 265 4.68 39.38 11.19
N CYS A 266 4.90 38.34 12.01
CA CYS A 266 5.22 38.51 13.43
C CYS A 266 6.46 39.33 13.71
N SER A 267 6.40 40.15 14.74
CA SER A 267 7.59 40.61 15.47
C SER A 267 8.10 39.49 16.36
N ALA A 268 9.28 39.68 16.92
CA ALA A 268 9.84 38.72 17.87
C ALA A 268 8.88 38.48 19.04
N SER A 269 8.31 39.55 19.61
CA SER A 269 7.33 39.47 20.69
C SER A 269 6.03 38.73 20.28
N GLN A 270 5.47 39.11 19.13
CA GLN A 270 4.33 38.37 18.53
C GLN A 270 4.64 36.90 18.16
N LYS A 271 5.90 36.61 17.83
CA LYS A 271 6.39 35.23 17.64
C LYS A 271 6.35 34.44 18.95
N ILE A 272 6.80 35.06 20.05
CA ILE A 272 6.80 34.42 21.38
C ILE A 272 5.37 34.16 21.83
N VAL A 273 4.46 35.08 21.50
CA VAL A 273 3.00 34.90 21.71
C VAL A 273 2.40 33.71 20.91
N PHE A 274 2.97 33.43 19.74
CA PHE A 274 2.48 32.35 18.87
C PHE A 274 2.85 30.98 19.44
N THR A 275 4.15 30.80 19.72
CA THR A 275 4.69 29.57 20.31
C THR A 275 4.04 29.17 21.65
N THR A 276 3.65 30.18 22.44
CA THR A 276 2.85 30.02 23.68
C THR A 276 1.51 29.29 23.51
N CYS A 277 0.70 29.75 22.56
CA CYS A 277 -0.72 29.39 22.41
C CYS A 277 -1.11 28.56 21.17
N TYR A 278 -0.20 28.34 20.22
CA TYR A 278 -0.54 27.56 19.04
C TYR A 278 -0.41 26.11 19.43
N GLY A 279 -1.39 25.30 19.05
CA GLY A 279 -1.42 23.90 19.42
C GLY A 279 -1.79 23.70 20.87
N SER A 280 -2.86 24.39 21.29
CA SER A 280 -3.36 24.32 22.66
C SER A 280 -4.82 23.92 22.60
N LYS A 281 -5.21 23.06 23.55
CA LYS A 281 -6.60 22.65 23.73
C LYS A 281 -7.49 23.81 24.27
N GLU A 282 -6.95 24.65 25.17
CA GLU A 282 -7.74 25.73 25.82
C GLU A 282 -8.34 26.77 24.85
N PRO A 283 -9.67 27.04 24.94
CA PRO A 283 -10.25 28.24 24.27
C PRO A 283 -9.74 29.62 24.76
N ALA A 284 -9.06 29.65 25.93
CA ALA A 284 -8.31 30.84 26.40
C ALA A 284 -7.16 31.23 25.44
N HIS A 285 -6.50 30.19 24.93
CA HIS A 285 -5.35 30.27 24.01
C HIS A 285 -5.77 30.42 22.53
N ILE A 286 -6.82 29.70 22.13
CA ILE A 286 -7.38 29.78 20.77
C ILE A 286 -7.89 31.17 20.41
N GLU A 287 -8.21 31.98 21.42
CA GLU A 287 -8.64 33.35 21.17
C GLU A 287 -7.45 34.31 20.96
N ARG A 288 -6.36 34.13 21.71
CA ARG A 288 -5.20 35.00 21.52
C ARG A 288 -4.74 34.98 20.06
N ILE A 289 -4.62 33.75 19.52
CA ILE A 289 -4.15 33.49 18.15
C ILE A 289 -5.05 34.19 17.11
N LYS A 290 -6.37 34.00 17.18
CA LYS A 290 -7.30 34.62 16.21
C LYS A 290 -7.32 36.14 16.29
N GLU A 291 -7.01 36.68 17.45
CA GLU A 291 -6.90 38.12 17.63
C GLU A 291 -5.57 38.62 17.03
N LEU A 292 -4.48 37.84 17.21
CA LEU A 292 -3.17 38.10 16.56
C LEU A 292 -3.32 38.14 15.04
N TYR A 293 -3.97 37.12 14.48
CA TYR A 293 -4.29 37.06 13.05
C TYR A 293 -4.98 38.37 12.60
N LYS A 294 -5.84 38.90 13.48
CA LYS A 294 -6.48 40.22 13.28
C LYS A 294 -5.47 41.37 13.30
N GLN A 295 -4.49 41.36 14.22
CA GLN A 295 -3.41 42.40 14.23
C GLN A 295 -2.52 42.32 12.98
N LEU A 296 -2.06 41.11 12.67
CA LEU A 296 -1.24 40.86 11.48
C LEU A 296 -2.02 40.97 10.15
N GLN A 297 -3.31 41.28 10.22
CA GLN A 297 -4.13 41.68 9.08
C GLN A 297 -4.34 40.56 8.08
N LEU A 298 -4.21 39.31 8.53
CA LEU A 298 -4.36 38.15 7.64
C LEU A 298 -5.76 38.07 6.99
N PRO A 299 -6.83 38.50 7.72
CA PRO A 299 -8.15 38.53 7.07
C PRO A 299 -8.18 39.36 5.77
N GLU A 300 -7.55 40.53 5.81
CA GLU A 300 -7.61 41.50 4.69
C GLU A 300 -6.74 41.01 3.55
N LEU A 301 -5.55 40.55 3.91
CA LEU A 301 -4.65 39.85 3.02
C LEU A 301 -5.34 38.74 2.26
N TYR A 302 -6.02 37.87 2.98
CA TYR A 302 -6.74 36.73 2.38
C TYR A 302 -7.74 37.22 1.38
N ALA A 303 -8.59 38.14 1.84
CA ALA A 303 -9.65 38.76 1.05
C ALA A 303 -9.14 39.35 -0.24
N GLN A 304 -7.93 39.92 -0.22
CA GLN A 304 -7.23 40.38 -1.41
C GLN A 304 -6.65 39.26 -2.28
N GLU A 305 -5.87 38.39 -1.65
CA GLU A 305 -5.23 37.29 -2.36
C GLU A 305 -6.20 36.32 -2.99
N GLU A 306 -7.33 36.07 -2.33
CA GLU A 306 -8.38 35.20 -2.89
C GLU A 306 -8.84 35.74 -4.24
N THR A 307 -9.11 37.06 -4.28
CA THR A 307 -9.54 37.79 -5.49
C THR A 307 -8.51 37.78 -6.61
N ARG A 308 -7.24 37.98 -6.23
CA ARG A 308 -6.16 38.00 -7.18
C ARG A 308 -5.98 36.62 -7.77
N MET A 309 -5.88 35.65 -6.88
CA MET A 309 -5.66 34.27 -7.28
C MET A 309 -6.76 33.80 -8.23
N TYR A 310 -8.00 34.08 -7.87
CA TYR A 310 -9.12 33.75 -8.72
C TYR A 310 -8.84 34.32 -10.09
N GLU A 311 -8.66 35.63 -10.15
CA GLU A 311 -8.48 36.32 -11.43
C GLU A 311 -7.28 35.78 -12.21
N SER A 312 -6.19 35.51 -11.52
CA SER A 312 -5.05 34.85 -12.14
C SER A 312 -5.43 33.50 -12.80
N LEU A 313 -6.15 32.67 -12.07
CA LEU A 313 -6.55 31.35 -12.55
C LEU A 313 -7.49 31.40 -13.78
N ILE A 314 -8.48 32.27 -13.65
CA ILE A 314 -9.53 32.38 -14.62
C ILE A 314 -8.91 32.67 -15.98
N LYS A 315 -7.87 33.51 -15.98
CA LYS A 315 -7.09 33.85 -17.17
C LYS A 315 -6.27 32.69 -17.65
N GLN A 316 -5.49 32.07 -16.75
CA GLN A 316 -4.69 30.90 -17.12
C GLN A 316 -5.54 29.80 -17.80
N ALA A 317 -6.77 29.64 -17.30
CA ALA A 317 -7.77 28.75 -17.88
C ALA A 317 -8.08 29.09 -19.32
N HIS A 318 -8.40 30.36 -19.63
CA HIS A 318 -8.74 30.77 -21.00
C HIS A 318 -7.53 30.64 -21.97
N GLY A 319 -6.34 30.89 -21.43
CA GLY A 319 -5.08 30.72 -22.15
C GLY A 319 -4.68 29.29 -22.48
N LEU A 320 -5.42 28.31 -21.96
CA LEU A 320 -5.24 26.91 -22.36
C LEU A 320 -5.68 26.81 -23.80
N PRO A 321 -5.09 25.87 -24.56
CA PRO A 321 -5.69 25.54 -25.84
C PRO A 321 -7.06 24.86 -25.63
N SER A 322 -7.97 25.03 -26.58
CA SER A 322 -9.32 24.44 -26.51
C SER A 322 -9.31 22.95 -26.18
N GLU A 323 -8.36 22.20 -26.75
CA GLU A 323 -8.23 20.73 -26.54
C GLU A 323 -8.19 20.33 -25.07
N LEU A 324 -7.79 21.26 -24.20
CA LEU A 324 -7.86 21.06 -22.74
C LEU A 324 -9.11 21.63 -22.07
N SER A 325 -10.08 22.11 -22.83
CA SER A 325 -11.34 22.64 -22.27
C SER A 325 -11.11 23.71 -21.20
N PRO A 326 -10.90 24.95 -21.63
CA PRO A 326 -10.99 26.05 -20.69
C PRO A 326 -12.27 25.99 -19.82
N ALA A 327 -13.38 25.61 -20.47
CA ALA A 327 -14.66 25.39 -19.80
C ALA A 327 -14.53 24.60 -18.51
N LEU A 328 -13.91 23.42 -18.63
CA LEU A 328 -13.70 22.52 -17.49
C LEU A 328 -13.14 23.31 -16.32
N PHE A 329 -11.98 23.89 -16.58
CA PHE A 329 -11.18 24.50 -15.53
C PHE A 329 -11.81 25.75 -14.97
N VAL A 330 -12.40 26.54 -15.85
CA VAL A 330 -13.15 27.73 -15.43
C VAL A 330 -14.16 27.28 -14.37
N ARG A 331 -14.87 26.19 -14.68
CA ARG A 331 -15.95 25.69 -13.82
C ARG A 331 -15.41 25.25 -12.43
N LEU A 332 -14.36 24.44 -12.40
CA LEU A 332 -13.82 23.96 -11.13
C LEU A 332 -13.43 25.14 -10.23
N ILE A 333 -12.87 26.18 -10.84
CA ILE A 333 -12.45 27.37 -10.12
C ILE A 333 -13.70 28.08 -9.60
N HIS A 334 -14.77 28.08 -10.39
CA HIS A 334 -16.10 28.53 -9.90
C HIS A 334 -16.64 27.68 -8.73
N MET A 335 -16.81 26.37 -8.94
CA MET A 335 -17.36 25.45 -7.91
C MET A 335 -16.82 25.76 -6.52
N ILE A 336 -15.57 26.27 -6.46
CA ILE A 336 -14.94 26.62 -5.18
C ILE A 336 -14.96 28.12 -4.80
N TYR A 337 -14.80 29.05 -5.75
CA TYR A 337 -14.77 30.50 -5.43
C TYR A 337 -16.05 30.88 -4.73
N LYS A 338 -15.92 31.51 -3.56
CA LYS A 338 -17.01 31.58 -2.55
C LYS A 338 -17.41 30.19 -2.02
N ARG A 339 -16.93 29.83 -0.83
CA ARG A 339 -17.27 28.57 -0.13
C ARG A 339 -17.69 28.83 1.32
N ASN A 340 -18.36 27.83 1.90
CA ASN A 340 -18.55 27.72 3.35
C ASN A 340 -18.86 26.27 3.76
N THR B 1 29.60 -17.49 -1.72
CA THR B 1 29.96 -16.68 -2.95
C THR B 1 28.83 -15.79 -3.52
N LYS B 2 27.65 -16.38 -3.72
CA LYS B 2 26.52 -15.66 -4.38
C LYS B 2 25.90 -14.54 -3.54
N LYS B 3 25.86 -14.70 -2.22
CA LYS B 3 25.30 -13.66 -1.32
C LYS B 3 26.09 -12.32 -1.36
N GLU B 4 27.41 -12.40 -1.57
CA GLU B 4 28.25 -11.21 -1.82
C GLU B 4 28.02 -10.66 -3.23
N SER B 5 27.85 -11.56 -4.21
CA SER B 5 27.51 -11.20 -5.60
C SER B 5 26.19 -10.43 -5.67
N PHE B 6 25.25 -10.82 -4.80
CA PHE B 6 23.92 -10.21 -4.67
C PHE B 6 23.95 -8.87 -3.92
N GLU B 7 24.50 -8.85 -2.70
CA GLU B 7 24.72 -7.56 -1.98
C GLU B 7 25.52 -6.49 -2.77
N ASP B 8 26.28 -6.91 -3.79
CA ASP B 8 27.11 -5.99 -4.59
C ASP B 8 26.35 -5.01 -5.48
N VAL B 9 25.20 -5.42 -6.01
CA VAL B 9 24.38 -4.52 -6.82
C VAL B 9 23.45 -3.60 -6.02
N LEU B 10 23.31 -3.81 -4.71
CA LEU B 10 22.44 -2.97 -3.86
C LEU B 10 22.77 -1.51 -4.01
N PRO B 11 24.04 -1.12 -3.77
CA PRO B 11 24.26 0.33 -3.69
C PRO B 11 23.70 1.02 -4.93
N SER B 12 24.02 0.47 -6.11
CA SER B 12 23.51 0.96 -7.41
C SER B 12 22.00 1.18 -7.43
N ILE B 13 21.26 0.18 -6.89
CA ILE B 13 19.78 0.15 -6.81
C ILE B 13 19.22 1.36 -6.07
N LEU B 14 19.84 1.71 -4.95
CA LEU B 14 19.40 2.82 -4.11
C LEU B 14 19.68 4.20 -4.75
N ASN B 15 20.63 4.24 -5.69
CA ASN B 15 20.86 5.41 -6.56
C ASN B 15 19.82 5.44 -7.68
N THR B 16 19.54 4.30 -8.29
CA THR B 16 18.45 4.25 -9.28
C THR B 16 17.15 4.74 -8.65
N ILE B 17 16.91 4.39 -7.38
CA ILE B 17 15.68 4.80 -6.64
C ILE B 17 15.65 6.28 -6.26
N THR B 18 16.81 6.88 -6.02
CA THR B 18 16.89 8.29 -5.70
C THR B 18 17.30 9.11 -6.94
N THR B 19 16.46 9.06 -7.99
CA THR B 19 16.75 9.74 -9.27
C THR B 19 15.44 9.95 -10.10
N ASN B 20 15.22 9.09 -11.12
CA ASN B 20 14.22 9.29 -12.19
C ASN B 20 12.82 9.36 -11.59
N SER B 21 12.53 10.54 -11.08
CA SER B 21 11.45 10.73 -10.13
C SER B 21 11.38 12.21 -9.76
N GLU B 22 10.29 12.56 -9.09
CA GLU B 22 10.07 13.89 -8.54
C GLU B 22 10.95 14.19 -7.33
N LEU B 23 11.63 13.16 -6.81
CA LEU B 23 12.50 13.28 -5.64
C LEU B 23 13.69 14.24 -5.80
N THR B 24 14.06 14.58 -7.04
CA THR B 24 15.07 15.62 -7.32
C THR B 24 14.74 16.98 -6.73
N GLU B 25 13.46 17.33 -6.76
CA GLU B 25 12.95 18.57 -6.15
C GLU B 25 12.77 18.44 -4.65
N VAL B 26 12.81 17.21 -4.11
CA VAL B 26 12.69 16.96 -2.67
C VAL B 26 13.82 16.02 -2.20
N PRO B 27 15.10 16.49 -2.26
CA PRO B 27 16.26 15.69 -1.84
C PRO B 27 16.20 15.22 -0.38
N GLU B 28 15.55 16.00 0.48
CA GLU B 28 15.33 15.61 1.86
C GLU B 28 14.59 14.26 1.96
N VAL B 29 13.60 14.03 1.10
CA VAL B 29 12.77 12.81 1.20
C VAL B 29 13.57 11.62 0.70
N ALA B 30 14.07 11.76 -0.52
CA ALA B 30 15.12 10.89 -1.10
C ALA B 30 16.14 10.28 -0.09
N ASN B 31 16.64 11.11 0.83
CA ASN B 31 17.59 10.67 1.86
C ASN B 31 16.91 10.02 3.05
N TRP B 32 15.70 10.46 3.36
CA TRP B 32 14.91 9.75 4.35
C TRP B 32 14.49 8.36 3.82
N LEU B 33 14.27 8.22 2.51
CA LEU B 33 13.85 6.94 1.92
C LEU B 33 15.01 5.95 1.88
N LYS B 34 16.15 6.45 1.39
CA LYS B 34 17.37 5.66 1.34
C LYS B 34 17.58 5.00 2.70
N LYS B 35 17.57 5.80 3.77
CA LYS B 35 17.61 5.30 5.16
C LYS B 35 16.58 4.21 5.53
N VAL B 36 15.36 4.32 4.99
CA VAL B 36 14.35 3.29 5.23
C VAL B 36 14.79 2.00 4.54
N LEU B 37 15.17 2.11 3.27
CA LEU B 37 15.56 0.92 2.48
C LEU B 37 16.76 0.17 3.05
N GLU B 38 17.88 0.86 3.22
CA GLU B 38 19.08 0.27 3.86
C GLU B 38 18.80 -0.37 5.24
N TYR B 39 18.00 0.27 6.08
CA TYR B 39 17.68 -0.34 7.36
C TYR B 39 16.78 -1.54 7.12
N ASN B 40 15.65 -1.35 6.48
CA ASN B 40 14.65 -2.42 6.37
C ASN B 40 15.01 -3.58 5.40
N LEU B 41 16.09 -3.41 4.64
CA LEU B 41 16.70 -4.53 3.95
C LEU B 41 17.83 -5.16 4.77
N ALA B 42 18.62 -4.33 5.47
CA ALA B 42 19.84 -4.79 6.17
C ALA B 42 19.65 -6.07 6.99
N GLY B 43 20.64 -6.95 6.86
CA GLY B 43 20.72 -8.20 7.60
C GLY B 43 19.98 -9.31 6.88
N GLY B 44 19.78 -10.40 7.61
CA GLY B 44 18.97 -11.50 7.12
C GLY B 44 19.64 -12.28 6.02
N LYS B 45 18.83 -13.16 5.44
CA LYS B 45 19.30 -14.33 4.74
C LYS B 45 19.43 -14.05 3.25
N LYS B 46 18.71 -13.04 2.76
CA LYS B 46 18.65 -12.70 1.34
C LYS B 46 18.16 -13.85 0.44
N ALA B 47 17.39 -14.78 0.98
CA ALA B 47 17.08 -16.03 0.27
C ALA B 47 16.12 -15.80 -0.90
N ARG B 48 15.00 -15.17 -0.61
CA ARG B 48 13.97 -14.92 -1.62
C ARG B 48 14.58 -14.20 -2.80
N GLY B 49 15.52 -13.29 -2.52
CA GLY B 49 16.27 -12.57 -3.54
C GLY B 49 17.21 -13.45 -4.34
N LEU B 50 17.99 -14.26 -3.62
CA LEU B 50 18.89 -15.23 -4.25
C LEU B 50 18.12 -16.19 -5.13
N THR B 51 17.05 -16.75 -4.58
CA THR B 51 16.14 -17.65 -5.32
C THR B 51 15.64 -17.07 -6.62
N THR B 52 15.48 -15.76 -6.68
CA THR B 52 15.09 -15.06 -7.91
C THR B 52 16.21 -15.06 -8.95
N LEU B 53 17.43 -14.83 -8.46
CA LEU B 53 18.64 -14.94 -9.27
C LEU B 53 18.81 -16.38 -9.77
N PHE B 54 18.93 -17.30 -8.79
CA PHE B 54 19.11 -18.73 -9.04
C PHE B 54 18.15 -19.27 -10.10
N ALA B 55 16.89 -18.82 -10.05
CA ALA B 55 15.88 -19.30 -10.98
C ALA B 55 16.27 -18.97 -12.39
N TYR B 56 16.59 -17.69 -12.66
CA TYR B 56 16.95 -17.24 -14.04
C TYR B 56 18.18 -17.95 -14.55
N GLU B 57 19.23 -17.93 -13.73
CA GLU B 57 20.47 -18.62 -13.99
C GLU B 57 20.23 -20.06 -14.50
N MET B 58 19.14 -20.68 -14.07
CA MET B 58 18.77 -22.02 -14.51
C MET B 58 17.74 -22.15 -15.65
N LEU B 59 16.86 -21.17 -15.89
CA LEU B 59 15.82 -21.37 -16.95
C LEU B 59 16.19 -20.73 -18.28
N GLU B 60 17.05 -19.72 -18.26
CA GLU B 60 17.52 -19.14 -19.50
C GLU B 60 18.57 -20.03 -20.14
N LYS B 61 18.64 -20.00 -21.48
CA LYS B 61 19.70 -20.65 -22.26
C LYS B 61 21.04 -19.90 -22.09
N PRO B 62 22.17 -20.63 -21.83
CA PRO B 62 23.41 -19.94 -21.37
C PRO B 62 24.02 -18.96 -22.37
N GLU B 63 24.01 -19.34 -23.65
CA GLU B 63 24.23 -18.42 -24.78
C GLU B 63 23.51 -17.04 -24.64
N ASN B 64 22.32 -17.06 -24.03
CA ASN B 64 21.50 -15.85 -23.82
C ASN B 64 21.81 -15.14 -22.49
N ILE B 65 22.38 -15.84 -21.52
CA ILE B 65 22.74 -15.23 -20.23
C ILE B 65 23.96 -14.31 -20.41
N THR B 66 23.77 -13.00 -20.20
CA THR B 66 24.82 -11.98 -20.44
C THR B 66 25.26 -11.28 -19.11
N GLU B 67 26.15 -10.31 -19.27
CA GLU B 67 26.62 -9.47 -18.17
C GLU B 67 25.45 -8.71 -17.56
N GLU B 68 24.73 -8.01 -18.44
CA GLU B 68 23.56 -7.21 -18.09
C GLU B 68 22.42 -8.04 -17.47
N THR B 69 22.06 -9.17 -18.08
CA THR B 69 20.88 -9.91 -17.66
C THR B 69 21.04 -10.55 -16.29
N ILE B 70 22.28 -10.73 -15.85
CA ILE B 70 22.55 -11.07 -14.44
C ILE B 70 22.24 -9.87 -13.54
N TYR B 71 22.64 -8.66 -13.93
CA TYR B 71 22.28 -7.47 -13.15
C TYR B 71 20.76 -7.32 -12.96
N LEU B 72 19.99 -7.66 -13.99
CA LEU B 72 18.53 -7.54 -13.91
C LEU B 72 17.93 -8.57 -12.99
N ALA B 73 18.43 -9.81 -13.07
CA ALA B 73 18.01 -10.84 -12.15
C ALA B 73 18.29 -10.45 -10.67
N LYS B 74 19.46 -9.87 -10.40
CA LYS B 74 19.79 -9.36 -9.06
C LYS B 74 18.84 -8.22 -8.66
N THR B 75 18.41 -7.44 -9.64
CA THR B 75 17.46 -6.35 -9.42
C THR B 75 16.10 -6.91 -8.99
N LEU B 76 15.49 -7.72 -9.87
CA LEU B 76 14.19 -8.31 -9.54
C LEU B 76 14.29 -8.98 -8.18
N GLY B 77 15.31 -9.82 -8.01
CA GLY B 77 15.64 -10.35 -6.71
C GLY B 77 15.55 -9.32 -5.61
N TRP B 78 16.14 -8.14 -5.84
CA TRP B 78 16.08 -7.03 -4.86
C TRP B 78 14.66 -6.45 -4.65
N CYS B 79 13.93 -6.26 -5.75
CA CYS B 79 12.52 -5.88 -5.65
C CYS B 79 11.73 -6.76 -4.68
N VAL B 80 11.93 -8.08 -4.78
CA VAL B 80 11.35 -9.06 -3.84
C VAL B 80 11.82 -8.87 -2.37
N GLU B 81 13.08 -8.47 -2.19
CA GLU B 81 13.57 -8.29 -0.85
C GLU B 81 12.95 -7.05 -0.17
N ILE B 82 12.71 -6.02 -0.98
CA ILE B 82 11.98 -4.81 -0.55
C ILE B 82 10.57 -5.19 -0.18
N LEU B 83 9.96 -6.06 -0.99
CA LEU B 83 8.64 -6.53 -0.69
C LEU B 83 8.67 -7.18 0.67
N GLN B 84 9.69 -7.99 0.98
CA GLN B 84 9.75 -8.61 2.31
C GLN B 84 9.89 -7.61 3.48
N GLY B 85 10.90 -6.76 3.42
CA GLY B 85 11.05 -5.62 4.34
C GLY B 85 9.74 -4.92 4.58
N PHE B 86 9.00 -4.64 3.52
CA PHE B 86 7.65 -4.09 3.62
C PHE B 86 6.75 -4.93 4.56
N LEU B 87 6.73 -6.25 4.36
CA LEU B 87 5.81 -7.11 5.11
C LEU B 87 6.21 -7.24 6.56
N VAL B 88 7.48 -7.62 6.80
CA VAL B 88 8.03 -7.78 8.15
C VAL B 88 7.88 -6.46 8.91
N MET B 89 8.14 -5.34 8.23
CA MET B 89 7.91 -3.99 8.81
C MET B 89 6.48 -3.75 9.38
N LEU B 90 5.45 -4.39 8.85
CA LEU B 90 4.07 -4.31 9.38
C LEU B 90 3.58 -5.56 10.11
N ASP B 91 4.35 -6.64 10.03
CA ASP B 91 4.14 -7.75 10.91
C ASP B 91 4.47 -7.24 12.30
N ASP B 92 5.55 -6.44 12.40
CA ASP B 92 5.96 -5.90 13.70
C ASP B 92 4.89 -4.96 14.25
N ILE B 93 4.63 -3.89 13.50
CA ILE B 93 3.53 -2.99 13.81
C ILE B 93 2.28 -3.70 14.34
N MET B 94 1.71 -4.61 13.56
CA MET B 94 0.54 -5.36 14.06
C MET B 94 0.86 -6.32 15.22
N ASP B 95 2.01 -7.01 15.21
CA ASP B 95 2.29 -8.06 16.24
C ASP B 95 2.97 -7.50 17.51
N GLY B 96 2.94 -6.18 17.72
CA GLY B 96 3.62 -5.54 18.83
C GLY B 96 5.11 -5.84 19.00
N SER B 97 5.80 -6.21 17.92
CA SER B 97 7.20 -6.69 18.03
C SER B 97 8.11 -5.56 18.51
N THR B 98 9.22 -5.91 19.17
CA THR B 98 10.13 -4.90 19.78
C THR B 98 11.57 -4.88 19.22
N THR B 99 12.08 -6.05 18.80
CA THR B 99 13.36 -6.14 18.05
C THR B 99 13.20 -7.03 16.82
N ARG B 100 14.24 -7.04 15.97
CA ARG B 100 14.26 -7.82 14.72
C ARG B 100 15.68 -7.85 14.12
N ARG B 101 16.29 -9.03 14.08
CA ARG B 101 17.71 -9.19 13.74
C ARG B 101 18.57 -8.36 14.71
N GLY B 102 18.47 -8.70 15.99
CA GLY B 102 19.18 -7.99 17.06
C GLY B 102 18.56 -6.62 17.32
N VAL B 103 18.83 -5.69 16.41
CA VAL B 103 18.35 -4.28 16.47
C VAL B 103 16.83 -4.15 16.75
N PRO B 104 16.40 -2.99 17.34
CA PRO B 104 14.96 -2.77 17.51
C PRO B 104 14.22 -2.66 16.17
N CYS B 105 12.89 -2.83 16.18
CA CYS B 105 12.08 -2.65 14.96
C CYS B 105 12.18 -1.21 14.47
N TRP B 106 12.06 -1.01 13.15
CA TRP B 106 12.02 0.33 12.55
C TRP B 106 10.98 1.26 13.20
N TYR B 107 9.82 0.71 13.59
CA TYR B 107 8.79 1.52 14.25
C TYR B 107 9.05 1.80 15.73
N GLN B 108 9.82 0.95 16.41
CA GLN B 108 10.23 1.26 17.78
C GLN B 108 11.14 2.48 17.88
N LEU B 109 12.00 2.75 16.88
CA LEU B 109 12.89 3.93 16.92
C LEU B 109 12.11 5.24 17.24
N PRO B 110 12.66 6.13 18.11
CA PRO B 110 11.84 7.23 18.65
C PRO B 110 11.38 8.26 17.60
N GLU B 111 12.33 8.72 16.78
CA GLU B 111 12.08 9.64 15.64
C GLU B 111 11.15 9.10 14.53
N VAL B 112 11.13 7.77 14.34
CA VAL B 112 10.21 7.10 13.38
C VAL B 112 8.79 6.97 14.00
N GLY B 113 8.59 5.99 14.88
CA GLY B 113 7.30 5.78 15.54
C GLY B 113 6.30 5.18 14.57
N LEU B 114 5.02 5.52 14.75
CA LEU B 114 3.92 5.04 13.90
C LEU B 114 3.92 5.60 12.47
N ALA B 115 4.74 6.63 12.22
CA ALA B 115 5.05 7.07 10.85
C ALA B 115 5.23 5.90 9.92
N ALA B 116 6.09 4.97 10.33
CA ALA B 116 6.30 3.68 9.67
C ALA B 116 5.25 3.27 8.61
N VAL B 117 3.96 3.28 8.97
CA VAL B 117 2.93 2.91 7.99
C VAL B 117 3.10 3.67 6.69
N ASN B 118 3.45 4.94 6.78
CA ASN B 118 3.80 5.72 5.62
C ASN B 118 5.12 5.27 5.02
N ASP B 119 6.10 4.94 5.84
CA ASP B 119 7.36 4.41 5.32
C ASP B 119 7.14 3.10 4.55
N SER B 120 6.12 2.34 4.96
CA SER B 120 5.74 1.14 4.23
C SER B 120 5.38 1.49 2.79
N SER B 121 4.38 2.36 2.66
CA SER B 121 3.93 2.89 1.37
C SER B 121 5.09 3.30 0.45
N LEU B 122 6.12 3.92 1.04
CA LEU B 122 7.26 4.45 0.27
C LEU B 122 8.14 3.36 -0.31
N MET B 123 8.49 2.36 0.52
CA MET B 123 9.26 1.18 0.09
C MET B 123 8.58 0.50 -1.11
N PHE B 124 7.30 0.20 -0.94
CA PHE B 124 6.61 -0.54 -1.96
C PHE B 124 6.68 0.22 -3.26
N SER B 125 6.25 1.46 -3.26
CA SER B 125 6.31 2.26 -4.49
C SER B 125 7.70 2.25 -5.16
N SER B 126 8.76 2.17 -4.36
CA SER B 126 10.13 2.13 -4.88
C SER B 126 10.35 1.01 -5.87
N ILE B 127 9.73 -0.13 -5.59
CA ILE B 127 9.78 -1.26 -6.51
C ILE B 127 9.53 -0.77 -7.92
N PHE B 128 8.51 0.04 -8.09
CA PHE B 128 8.05 0.43 -9.40
C PHE B 128 8.89 1.48 -10.07
N TYR B 129 9.79 2.14 -9.35
CA TYR B 129 10.80 3.01 -9.99
C TYR B 129 11.86 2.16 -10.67
N VAL B 130 12.36 1.19 -9.90
CA VAL B 130 13.38 0.24 -10.37
C VAL B 130 12.87 -0.49 -11.61
N LEU B 131 11.63 -0.96 -11.55
CA LEU B 131 11.02 -1.60 -12.71
C LEU B 131 11.02 -0.69 -13.92
N HIS B 132 10.63 0.57 -13.73
CA HIS B 132 10.63 1.54 -14.81
C HIS B 132 12.03 1.78 -15.37
N ALA B 133 13.03 2.01 -14.51
CA ALA B 133 14.43 2.20 -15.00
C ALA B 133 14.83 1.05 -15.94
N HIS B 134 14.94 -0.14 -15.40
CA HIS B 134 15.60 -1.22 -16.09
C HIS B 134 14.69 -2.01 -17.05
N PHE B 135 13.37 -1.73 -17.03
CA PHE B 135 12.37 -2.48 -17.85
C PHE B 135 11.27 -1.67 -18.50
N ALA B 136 11.31 -0.33 -18.49
CA ALA B 136 10.21 0.50 -19.08
C ALA B 136 9.95 0.13 -20.52
N ASP B 137 11.03 0.04 -21.30
CA ASP B 137 10.95 -0.19 -22.73
C ASP B 137 10.81 -1.66 -23.13
N LYS B 138 11.13 -2.61 -22.25
CA LYS B 138 11.05 -4.03 -22.60
C LYS B 138 9.62 -4.52 -22.72
N LYS B 139 9.47 -5.72 -23.28
CA LYS B 139 8.16 -6.28 -23.67
C LYS B 139 7.45 -6.87 -22.44
N ILE B 140 8.23 -7.51 -21.55
CA ILE B 140 7.75 -8.00 -20.24
C ILE B 140 7.27 -6.93 -19.22
N TYR B 141 7.58 -5.64 -19.44
CA TYR B 141 7.21 -4.56 -18.47
C TYR B 141 5.88 -4.74 -17.76
N THR B 142 4.77 -4.61 -18.47
CA THR B 142 3.46 -4.74 -17.85
C THR B 142 3.39 -5.92 -16.88
N ASN B 143 3.68 -7.12 -17.39
CA ASN B 143 3.70 -8.36 -16.58
C ASN B 143 4.42 -8.17 -15.26
N LEU B 144 5.62 -7.59 -15.32
CA LEU B 144 6.38 -7.26 -14.12
C LEU B 144 5.60 -6.32 -13.19
N VAL B 145 5.01 -5.28 -13.75
CA VAL B 145 4.29 -4.32 -12.93
C VAL B 145 3.08 -5.00 -12.30
N GLU B 146 2.24 -5.57 -13.16
CA GLU B 146 1.13 -6.41 -12.69
C GLU B 146 1.56 -7.39 -11.61
N LEU B 147 2.65 -8.09 -11.84
CA LEU B 147 3.07 -9.18 -10.95
C LEU B 147 3.41 -8.65 -9.57
N PHE B 148 3.86 -7.39 -9.49
CA PHE B 148 4.15 -6.80 -8.18
C PHE B 148 2.92 -6.25 -7.45
N ASN B 149 2.02 -5.56 -8.17
CA ASN B 149 0.70 -5.23 -7.57
C ASN B 149 -0.01 -6.50 -7.05
N GLU B 150 -0.11 -7.50 -7.92
CA GLU B 150 -0.65 -8.82 -7.58
C GLU B 150 -0.05 -9.34 -6.31
N SER B 151 1.23 -9.12 -6.11
CA SER B 151 1.92 -9.63 -4.91
C SER B 151 1.45 -9.00 -3.64
N LEU B 152 1.34 -7.68 -3.63
CA LEU B 152 0.80 -6.96 -2.48
C LEU B 152 -0.57 -7.49 -2.08
N MET B 153 -1.39 -7.89 -3.05
CA MET B 153 -2.71 -8.42 -2.71
C MET B 153 -2.65 -9.80 -2.07
N HIS B 154 -1.82 -10.69 -2.61
CA HIS B 154 -1.73 -12.06 -2.11
C HIS B 154 -1.31 -12.05 -0.66
N THR B 155 -0.26 -11.29 -0.37
CA THR B 155 0.33 -11.24 0.94
C THR B 155 -0.55 -10.49 1.93
N SER B 156 -1.36 -9.55 1.43
CA SER B 156 -2.36 -8.91 2.24
C SER B 156 -3.47 -9.89 2.63
N ILE B 157 -4.03 -10.60 1.66
CA ILE B 157 -5.00 -11.67 1.93
C ILE B 157 -4.47 -12.62 2.96
N GLY B 158 -3.22 -13.00 2.83
CA GLY B 158 -2.59 -13.92 3.75
C GLY B 158 -2.41 -13.29 5.10
N GLN B 159 -1.99 -12.02 5.14
CA GLN B 159 -1.86 -11.31 6.41
C GLN B 159 -3.19 -11.32 7.13
N HIS B 160 -4.25 -10.91 6.43
CA HIS B 160 -5.62 -10.97 6.95
C HIS B 160 -6.01 -12.34 7.51
N LEU B 161 -5.70 -13.40 6.79
CA LEU B 161 -6.06 -14.73 7.26
C LEU B 161 -5.31 -15.07 8.55
N ASP B 162 -4.15 -14.47 8.72
CA ASP B 162 -3.36 -14.72 9.89
C ASP B 162 -3.91 -13.91 11.08
N VAL B 163 -4.19 -12.62 10.88
CA VAL B 163 -4.71 -11.79 11.97
C VAL B 163 -6.07 -12.33 12.41
N THR B 164 -6.90 -12.64 11.43
CA THR B 164 -8.22 -13.20 11.70
C THR B 164 -8.08 -14.48 12.53
N MET B 165 -7.02 -15.25 12.33
CA MET B 165 -6.77 -16.47 13.14
C MET B 165 -6.45 -16.07 14.58
N GLU B 166 -5.53 -15.13 14.74
CA GLU B 166 -5.11 -14.68 16.07
C GLU B 166 -6.17 -13.85 16.82
N ARG B 167 -7.22 -13.37 16.16
CA ARG B 167 -8.36 -12.74 16.84
C ARG B 167 -9.10 -13.83 17.63
N ARG B 168 -10.19 -14.41 17.11
CA ARG B 168 -10.74 -15.66 17.66
C ARG B 168 -11.18 -15.52 19.13
N GLN B 169 -11.66 -16.58 19.76
CA GLN B 169 -11.73 -16.60 21.21
C GLN B 169 -10.93 -17.78 21.72
N LYS B 170 -9.63 -17.55 22.01
CA LYS B 170 -8.75 -18.51 22.74
C LYS B 170 -9.19 -19.97 22.67
N SER B 171 -10.38 -20.26 23.19
CA SER B 171 -10.97 -21.62 23.23
C SER B 171 -11.75 -22.10 22.00
N ASP B 172 -11.90 -21.27 20.96
CA ASP B 172 -12.57 -21.68 19.72
C ASP B 172 -11.58 -22.02 18.59
N TYR B 173 -11.57 -23.29 18.17
CA TYR B 173 -10.63 -23.75 17.17
C TYR B 173 -11.29 -24.20 15.88
N SER B 174 -12.39 -23.55 15.51
CA SER B 174 -13.18 -24.01 14.36
C SER B 174 -12.57 -23.68 12.98
N LEU B 175 -11.60 -22.79 12.97
CA LEU B 175 -10.88 -22.42 11.77
C LEU B 175 -9.60 -23.22 11.62
N PHE B 176 -9.32 -24.16 12.53
CA PHE B 176 -8.07 -24.93 12.51
C PHE B 176 -8.44 -26.13 11.67
N THR B 177 -8.56 -25.89 10.36
CA THR B 177 -8.88 -26.90 9.35
C THR B 177 -7.73 -26.92 8.38
N ILE B 178 -7.44 -28.09 7.83
CA ILE B 178 -6.46 -28.23 6.75
C ILE B 178 -6.87 -27.36 5.55
N GLU B 179 -8.15 -27.28 5.19
CA GLU B 179 -8.59 -26.32 4.18
C GLU B 179 -7.96 -24.93 4.46
N ARG B 180 -8.16 -24.38 5.66
CA ARG B 180 -7.69 -23.01 6.02
C ARG B 180 -6.22 -22.89 6.30
N TYR B 181 -5.58 -23.97 6.71
CA TYR B 181 -4.13 -24.00 6.90
C TYR B 181 -3.43 -23.85 5.56
N ASN B 182 -3.90 -24.63 4.58
CA ASN B 182 -3.42 -24.57 3.20
C ASN B 182 -3.52 -23.18 2.54
N ALA B 183 -4.63 -22.48 2.81
CA ALA B 183 -4.80 -21.13 2.28
C ALA B 183 -3.82 -20.15 2.91
N ILE B 184 -3.50 -20.34 4.20
CA ILE B 184 -2.52 -19.47 4.89
C ILE B 184 -1.14 -19.66 4.27
N VAL B 185 -0.69 -20.91 4.09
CA VAL B 185 0.60 -21.15 3.38
C VAL B 185 0.58 -20.69 1.92
N LYS B 186 -0.52 -20.92 1.21
CA LYS B 186 -0.66 -20.46 -0.16
C LYS B 186 -0.43 -18.99 -0.27
N TYR B 187 -1.20 -18.21 0.51
CA TYR B 187 -1.28 -16.76 0.32
C TYR B 187 -0.14 -15.96 0.96
N LYS B 188 0.25 -16.24 2.21
CA LYS B 188 1.28 -15.42 2.86
C LYS B 188 2.70 -15.96 2.62
N THR B 189 2.94 -17.26 2.76
CA THR B 189 4.31 -17.81 2.62
C THR B 189 4.72 -18.17 1.20
N ALA B 190 4.05 -19.19 0.63
CA ALA B 190 4.41 -19.80 -0.66
C ALA B 190 4.66 -18.79 -1.76
N TYR B 191 3.64 -18.00 -2.07
CA TYR B 191 3.69 -17.13 -3.22
C TYR B 191 5.00 -16.36 -3.30
N TYR B 192 5.34 -15.56 -2.28
CA TYR B 192 6.49 -14.61 -2.39
C TYR B 192 7.89 -15.17 -2.03
N THR B 193 7.94 -16.46 -1.66
CA THR B 193 9.19 -17.21 -1.40
C THR B 193 9.56 -18.14 -2.57
N TYR B 194 8.54 -18.65 -3.29
CA TYR B 194 8.70 -19.63 -4.36
C TYR B 194 8.05 -19.24 -5.73
N GLN B 195 6.73 -19.01 -5.76
CA GLN B 195 6.06 -18.56 -6.99
C GLN B 195 6.72 -17.29 -7.49
N LEU B 196 6.76 -16.26 -6.67
CA LEU B 196 7.17 -14.95 -7.13
C LEU B 196 8.58 -15.00 -7.70
N PRO B 197 9.57 -15.47 -6.91
CA PRO B 197 10.91 -15.54 -7.53
C PRO B 197 11.00 -16.35 -8.85
N VAL B 198 10.43 -17.56 -8.86
CA VAL B 198 10.34 -18.40 -10.07
C VAL B 198 9.69 -17.62 -11.20
N CYS B 199 8.48 -17.14 -10.94
CA CYS B 199 7.70 -16.45 -11.94
C CYS B 199 8.48 -15.25 -12.47
N LEU B 200 9.07 -14.49 -11.57
CA LEU B 200 9.94 -13.42 -11.96
C LEU B 200 11.12 -13.87 -12.80
N GLY B 201 11.66 -15.05 -12.49
CA GLY B 201 12.72 -15.67 -13.34
C GLY B 201 12.29 -15.98 -14.77
N MET B 202 11.25 -16.78 -14.90
CA MET B 202 10.63 -17.08 -16.19
C MET B 202 10.55 -15.86 -17.11
N LEU B 203 10.09 -14.74 -16.59
CA LEU B 203 9.82 -13.56 -17.43
C LEU B 203 11.08 -12.87 -17.96
N LEU B 204 12.16 -12.92 -17.17
CA LEU B 204 13.44 -12.38 -17.62
C LEU B 204 13.95 -13.24 -18.78
N ALA B 205 13.76 -14.55 -18.67
CA ALA B 205 14.09 -15.50 -19.73
C ALA B 205 12.98 -15.66 -20.76
N ASN B 206 12.11 -14.67 -20.90
CA ASN B 206 11.09 -14.68 -21.92
C ASN B 206 10.31 -16.01 -22.07
N ILE B 207 10.06 -16.66 -20.93
CA ILE B 207 9.15 -17.78 -20.83
C ILE B 207 7.78 -17.17 -20.48
N SER B 208 6.81 -17.36 -21.37
CA SER B 208 5.47 -16.75 -21.22
C SER B 208 4.27 -17.67 -21.40
N ASP B 209 4.43 -18.84 -22.03
CA ASP B 209 3.29 -19.75 -22.25
C ASP B 209 2.46 -19.87 -20.97
N PRO B 210 1.15 -19.50 -21.02
CA PRO B 210 0.25 -19.60 -19.86
C PRO B 210 0.34 -20.91 -19.10
N VAL B 211 0.13 -22.04 -19.79
CA VAL B 211 0.18 -23.37 -19.13
C VAL B 211 1.57 -23.76 -18.53
N LEU B 212 2.65 -23.08 -18.95
CA LEU B 212 3.94 -23.19 -18.25
C LEU B 212 3.99 -22.41 -16.91
N HIS B 213 3.48 -21.17 -16.90
CA HIS B 213 3.33 -20.42 -15.66
C HIS B 213 2.42 -21.18 -14.66
N GLN B 214 1.37 -21.83 -15.17
CA GLN B 214 0.46 -22.65 -14.35
C GLN B 214 1.15 -23.88 -13.74
N LYS B 215 1.93 -24.58 -14.54
CA LYS B 215 2.73 -25.71 -14.02
C LYS B 215 3.81 -25.24 -13.01
N ALA B 216 4.37 -24.06 -13.21
CA ALA B 216 5.38 -23.53 -12.29
C ALA B 216 4.74 -23.13 -10.97
N GLU B 217 3.63 -22.40 -11.08
CA GLU B 217 2.74 -22.11 -9.95
C GLU B 217 2.44 -23.37 -9.11
N ASP B 218 1.67 -24.31 -9.66
CA ASP B 218 1.32 -25.56 -8.98
C ASP B 218 2.49 -26.16 -8.22
N MET B 219 3.66 -26.17 -8.86
CA MET B 219 4.88 -26.72 -8.30
C MET B 219 5.33 -25.96 -7.04
N CYS B 220 5.47 -24.64 -7.15
CA CYS B 220 5.82 -23.78 -6.01
C CYS B 220 4.89 -23.91 -4.81
N LEU B 221 3.60 -24.04 -5.05
CA LEU B 221 2.63 -24.14 -3.97
C LEU B 221 2.76 -25.53 -3.33
N GLU B 222 2.82 -26.62 -4.11
CA GLU B 222 3.12 -27.97 -3.55
C GLU B 222 4.38 -27.89 -2.68
N ILE B 223 5.33 -27.06 -3.12
CA ILE B 223 6.63 -26.96 -2.48
C ILE B 223 6.58 -26.28 -1.13
N GLY B 224 5.91 -25.11 -1.09
CA GLY B 224 5.77 -24.29 0.13
C GLY B 224 4.99 -25.01 1.23
N LYS B 225 3.95 -25.73 0.79
CA LYS B 225 3.25 -26.68 1.63
C LYS B 225 4.30 -27.57 2.29
N PHE B 226 5.08 -28.25 1.47
CA PHE B 226 6.11 -29.19 1.93
C PHE B 226 7.08 -28.50 2.87
N PHE B 227 7.40 -27.25 2.56
CA PHE B 227 8.28 -26.45 3.40
C PHE B 227 7.65 -26.23 4.73
N GLN B 228 6.39 -25.79 4.70
CA GLN B 228 5.71 -25.39 5.94
C GLN B 228 5.51 -26.54 6.89
N ILE B 229 5.14 -27.69 6.35
CA ILE B 229 4.86 -28.85 7.13
C ILE B 229 6.11 -29.21 7.91
N GLN B 230 7.28 -29.02 7.29
CA GLN B 230 8.54 -29.33 7.93
C GLN B 230 8.79 -28.38 9.06
N ASP B 231 8.72 -27.09 8.72
CA ASP B 231 8.98 -25.98 9.63
C ASP B 231 8.13 -26.09 10.92
N ASP B 232 6.83 -26.31 10.70
CA ASP B 232 5.87 -26.60 11.75
C ASP B 232 6.31 -27.76 12.62
N TYR B 233 6.69 -28.86 11.98
CA TYR B 233 7.09 -30.05 12.72
C TYR B 233 8.38 -29.84 13.49
N ILE B 234 9.33 -29.13 12.89
CA ILE B 234 10.60 -28.84 13.57
C ILE B 234 10.34 -27.96 14.82
N ASP B 235 9.38 -27.04 14.69
CA ASP B 235 9.01 -26.17 15.81
C ASP B 235 8.63 -26.93 17.06
N CYS B 236 7.96 -28.06 16.88
CA CYS B 236 7.53 -28.87 18.01
C CYS B 236 8.68 -29.73 18.60
N TYR B 237 9.56 -30.24 17.74
CA TYR B 237 10.66 -31.16 18.13
C TYR B 237 12.09 -30.56 17.97
N GLY B 247 11.50 -24.09 19.71
CA GLY B 247 10.39 -23.26 19.19
C GLY B 247 9.14 -23.14 20.08
N THR B 248 8.21 -22.24 19.70
CA THR B 248 7.04 -21.88 20.53
C THR B 248 5.64 -21.90 19.91
N ASP B 249 5.52 -22.30 18.63
CA ASP B 249 4.22 -22.64 18.00
C ASP B 249 3.08 -22.99 18.98
N ILE B 250 3.33 -23.93 19.91
CA ILE B 250 2.29 -24.44 20.84
C ILE B 250 1.77 -23.39 21.80
N GLN B 251 2.65 -22.86 22.63
CA GLN B 251 2.28 -21.86 23.64
C GLN B 251 1.68 -20.57 23.06
N GLU B 252 2.01 -20.22 21.82
CA GLU B 252 1.39 -19.09 21.12
C GLU B 252 0.11 -19.43 20.36
N ALA B 253 -0.34 -20.68 20.45
CA ALA B 253 -1.60 -21.11 19.84
C ALA B 253 -1.65 -20.89 18.33
N LYS B 254 -0.57 -21.24 17.64
CA LYS B 254 -0.48 -21.08 16.18
C LYS B 254 -1.20 -22.20 15.51
N CYS B 255 -1.59 -21.90 14.27
CA CYS B 255 -2.19 -22.88 13.37
C CYS B 255 -1.10 -23.66 12.64
N SER B 256 -0.50 -24.60 13.34
CA SER B 256 0.52 -25.49 12.82
C SER B 256 -0.15 -26.67 12.18
N TRP B 257 0.61 -27.39 11.37
CA TRP B 257 0.10 -28.60 10.73
C TRP B 257 -0.26 -29.62 11.82
N LEU B 258 0.52 -29.60 12.87
CA LEU B 258 0.24 -30.44 14.00
C LEU B 258 -1.06 -30.06 14.77
N ALA B 259 -1.35 -28.78 14.93
CA ALA B 259 -2.61 -28.43 15.58
C ALA B 259 -3.74 -29.01 14.74
N VAL B 260 -3.71 -28.76 13.43
CA VAL B 260 -4.81 -29.17 12.54
C VAL B 260 -5.05 -30.69 12.48
N MET B 261 -3.96 -31.42 12.29
CA MET B 261 -4.06 -32.87 12.26
C MET B 261 -4.53 -33.38 13.61
N ALA B 262 -3.94 -32.90 14.70
CA ALA B 262 -4.39 -33.29 16.01
C ALA B 262 -5.92 -33.22 16.09
N LEU B 263 -6.50 -32.07 15.74
CA LEU B 263 -7.94 -31.87 15.82
C LEU B 263 -8.78 -32.81 14.91
N GLN B 264 -8.30 -33.13 13.69
CA GLN B 264 -8.90 -34.22 12.86
C GLN B 264 -9.05 -35.56 13.58
N ARG B 265 -8.04 -35.96 14.36
CA ARG B 265 -7.98 -37.30 14.94
C ARG B 265 -8.55 -37.38 16.35
N CYS B 266 -8.81 -36.22 16.96
CA CYS B 266 -9.30 -36.16 18.33
C CYS B 266 -10.66 -36.81 18.50
N SER B 267 -10.77 -37.69 19.50
CA SER B 267 -12.06 -37.98 20.14
C SER B 267 -12.56 -36.73 20.89
N ALA B 268 -13.85 -36.67 21.21
CA ALA B 268 -14.39 -35.42 21.74
C ALA B 268 -13.68 -35.07 23.07
N SER B 269 -13.40 -36.08 23.90
CA SER B 269 -12.63 -35.88 25.12
C SER B 269 -11.26 -35.29 24.86
N GLN B 270 -10.53 -35.88 23.89
CA GLN B 270 -9.22 -35.38 23.44
C GLN B 270 -9.24 -33.97 22.84
N LYS B 271 -10.27 -33.69 22.07
CA LYS B 271 -10.49 -32.35 21.58
C LYS B 271 -10.54 -31.31 22.75
N ILE B 272 -11.13 -31.67 23.90
CA ILE B 272 -11.17 -30.80 25.10
C ILE B 272 -9.79 -30.64 25.74
N VAL B 273 -9.03 -31.72 25.81
CA VAL B 273 -7.69 -31.61 26.33
C VAL B 273 -6.97 -30.60 25.48
N PHE B 274 -7.15 -30.69 24.17
CA PHE B 274 -6.51 -29.74 23.26
C PHE B 274 -6.88 -28.30 23.62
N THR B 275 -8.17 -27.95 23.55
CA THR B 275 -8.60 -26.53 23.64
C THR B 275 -8.15 -25.87 24.95
N THR B 276 -8.32 -26.62 26.03
CA THR B 276 -7.81 -26.31 27.38
C THR B 276 -6.29 -26.00 27.48
N CYS B 277 -5.44 -26.90 26.97
CA CYS B 277 -3.96 -26.79 27.16
C CYS B 277 -3.14 -26.10 26.09
N TYR B 278 -3.66 -26.05 24.86
CA TYR B 278 -2.99 -25.32 23.79
C TYR B 278 -2.99 -23.85 24.20
N GLY B 279 -2.01 -23.10 23.72
CA GLY B 279 -1.95 -21.66 23.94
C GLY B 279 -1.46 -21.21 25.30
N SER B 280 -0.69 -22.06 25.98
CA SER B 280 -0.32 -21.77 27.36
C SER B 280 1.17 -22.02 27.60
N LYS B 281 1.74 -21.18 28.47
CA LYS B 281 3.15 -21.29 28.82
C LYS B 281 3.44 -22.35 29.89
N GLU B 282 2.44 -22.82 30.66
CA GLU B 282 2.74 -23.76 31.76
C GLU B 282 3.37 -25.03 31.25
N PRO B 283 4.60 -25.34 31.66
CA PRO B 283 5.20 -26.58 31.13
C PRO B 283 4.26 -27.79 31.18
N ALA B 284 3.51 -27.91 32.27
CA ALA B 284 2.56 -29.01 32.44
C ALA B 284 1.52 -29.04 31.33
N HIS B 285 1.17 -27.85 30.84
CA HIS B 285 0.19 -27.70 29.75
C HIS B 285 0.71 -28.03 28.38
N ILE B 286 1.93 -27.57 28.11
CA ILE B 286 2.68 -27.85 26.88
C ILE B 286 2.93 -29.34 26.79
N GLU B 287 3.44 -29.89 27.89
CA GLU B 287 3.73 -31.30 27.97
C GLU B 287 2.49 -32.10 27.61
N ARG B 288 1.34 -31.63 28.07
CA ARG B 288 0.09 -32.32 27.79
C ARG B 288 -0.20 -32.37 26.25
N ILE B 289 -0.01 -31.25 25.56
CA ILE B 289 -0.19 -31.17 24.13
C ILE B 289 0.80 -32.08 23.41
N LYS B 290 2.07 -32.01 23.80
CA LYS B 290 3.06 -32.90 23.20
C LYS B 290 2.73 -34.37 23.44
N GLU B 291 2.11 -34.68 24.57
CA GLU B 291 1.71 -36.06 24.86
C GLU B 291 0.54 -36.51 23.96
N LEU B 292 -0.44 -35.62 23.86
CA LEU B 292 -1.64 -35.83 23.06
C LEU B 292 -1.26 -35.96 21.61
N TYR B 293 -0.27 -35.20 21.16
CA TYR B 293 0.33 -35.40 19.83
C TYR B 293 0.87 -36.86 19.63
N LYS B 294 1.80 -37.29 20.48
CA LYS B 294 2.16 -38.71 20.59
C LYS B 294 0.96 -39.68 20.55
N GLN B 295 0.01 -39.58 21.48
CA GLN B 295 -1.20 -40.45 21.46
C GLN B 295 -1.77 -40.53 20.05
N LEU B 296 -1.92 -39.36 19.43
CA LEU B 296 -2.57 -39.22 18.14
C LEU B 296 -1.74 -39.76 17.01
N GLN B 297 -0.47 -40.05 17.30
CA GLN B 297 0.49 -40.68 16.38
C GLN B 297 0.88 -39.69 15.27
N LEU B 298 0.98 -38.41 15.59
CA LEU B 298 1.35 -37.39 14.60
C LEU B 298 2.80 -37.51 14.18
N PRO B 299 3.70 -37.88 15.10
CA PRO B 299 5.05 -38.18 14.63
C PRO B 299 5.08 -39.33 13.60
N GLU B 300 4.46 -40.45 13.99
CA GLU B 300 4.18 -41.55 13.09
C GLU B 300 3.64 -41.00 11.73
N LEU B 301 2.67 -40.09 11.76
CA LEU B 301 2.02 -39.58 10.55
C LEU B 301 2.88 -38.65 9.76
N TYR B 302 3.65 -37.80 10.44
CA TYR B 302 4.58 -36.92 9.72
C TYR B 302 5.58 -37.67 8.82
N ALA B 303 6.26 -38.65 9.38
CA ALA B 303 7.29 -39.43 8.73
C ALA B 303 6.78 -40.12 7.49
N GLN B 304 5.50 -40.49 7.47
CA GLN B 304 4.88 -41.07 6.26
C GLN B 304 4.55 -40.01 5.24
N GLU B 305 4.03 -38.89 5.73
CA GLU B 305 3.61 -37.82 4.86
C GLU B 305 4.80 -37.10 4.20
N GLU B 306 5.84 -36.88 4.98
CA GLU B 306 7.00 -36.24 4.46
C GLU B 306 7.51 -37.06 3.30
N THR B 307 7.59 -38.37 3.49
CA THR B 307 8.13 -39.24 2.45
C THR B 307 7.30 -39.16 1.16
N ARG B 308 5.99 -39.40 1.25
CA ARG B 308 5.06 -39.30 0.12
C ARG B 308 5.12 -37.97 -0.58
N MET B 309 5.22 -36.91 0.20
CA MET B 309 5.16 -35.57 -0.33
C MET B 309 6.44 -35.29 -1.05
N TYR B 310 7.56 -35.70 -0.46
CA TYR B 310 8.88 -35.56 -1.10
C TYR B 310 8.94 -36.31 -2.44
N GLU B 311 8.56 -37.59 -2.38
CA GLU B 311 8.55 -38.49 -3.52
C GLU B 311 7.67 -38.01 -4.64
N SER B 312 6.42 -37.69 -4.33
CA SER B 312 5.57 -37.06 -5.32
C SER B 312 6.04 -35.66 -5.76
N LEU B 313 6.90 -35.00 -5.01
CA LEU B 313 7.34 -33.68 -5.42
C LEU B 313 8.45 -33.78 -6.43
N ILE B 314 9.45 -34.59 -6.11
CA ILE B 314 10.49 -35.03 -7.06
C ILE B 314 9.85 -35.52 -8.36
N LYS B 315 9.00 -36.54 -8.27
CA LYS B 315 8.34 -37.07 -9.46
C LYS B 315 7.57 -36.00 -10.23
N GLN B 316 7.03 -35.00 -9.53
CA GLN B 316 6.46 -33.87 -10.27
C GLN B 316 7.51 -33.08 -11.05
N ALA B 317 8.67 -32.86 -10.44
CA ALA B 317 9.75 -32.11 -11.09
C ALA B 317 10.22 -32.88 -12.28
N HIS B 318 10.57 -34.15 -12.07
CA HIS B 318 11.15 -34.96 -13.15
C HIS B 318 10.27 -34.95 -14.41
N GLY B 319 8.94 -34.96 -14.24
CA GLY B 319 7.99 -34.88 -15.36
C GLY B 319 7.80 -33.52 -16.04
N LEU B 320 8.43 -32.47 -15.53
CA LEU B 320 8.18 -31.12 -16.03
C LEU B 320 8.90 -30.89 -17.36
N PRO B 321 8.26 -30.22 -18.34
CA PRO B 321 8.91 -29.68 -19.55
C PRO B 321 10.32 -29.15 -19.33
N SER B 322 11.19 -29.24 -20.33
CA SER B 322 12.60 -28.89 -20.14
C SER B 322 12.78 -27.38 -19.99
N GLU B 323 11.80 -26.63 -20.52
CA GLU B 323 11.72 -25.16 -20.38
C GLU B 323 11.72 -24.70 -18.90
N LEU B 324 11.13 -25.51 -18.02
CA LEU B 324 11.07 -25.25 -16.57
C LEU B 324 12.22 -25.84 -15.70
N SER B 325 13.28 -26.37 -16.31
CA SER B 325 14.47 -26.78 -15.56
C SER B 325 14.21 -27.70 -14.40
N PRO B 326 13.55 -28.84 -14.63
CA PRO B 326 13.35 -29.77 -13.51
C PRO B 326 14.47 -29.75 -12.49
N ALA B 327 15.70 -29.59 -12.97
CA ALA B 327 16.86 -29.26 -12.14
C ALA B 327 16.52 -28.25 -11.04
N LEU B 328 16.11 -27.06 -11.44
CA LEU B 328 15.70 -26.01 -10.50
C LEU B 328 14.82 -26.53 -9.37
N PHE B 329 13.69 -27.09 -9.78
CA PHE B 329 12.66 -27.49 -8.87
C PHE B 329 13.07 -28.68 -8.03
N VAL B 330 13.91 -29.54 -8.59
CA VAL B 330 14.56 -30.57 -7.79
C VAL B 330 15.39 -29.98 -6.63
N ARG B 331 16.28 -29.04 -6.93
CA ARG B 331 17.16 -28.45 -5.90
C ARG B 331 16.33 -27.84 -4.79
N LEU B 332 15.37 -27.00 -5.21
CA LEU B 332 14.46 -26.32 -4.27
C LEU B 332 13.94 -27.33 -3.20
N ILE B 333 13.31 -28.39 -3.68
CA ILE B 333 12.88 -29.47 -2.81
C ILE B 333 14.04 -30.06 -1.96
N HIS B 334 15.18 -30.35 -2.56
CA HIS B 334 16.29 -30.95 -1.80
C HIS B 334 16.79 -30.04 -0.70
N MET B 335 16.81 -28.72 -0.98
CA MET B 335 17.29 -27.76 0.01
C MET B 335 16.54 -27.88 1.34
N ILE B 336 15.24 -28.17 1.25
CA ILE B 336 14.42 -28.27 2.45
C ILE B 336 14.47 -29.66 3.08
N TYR B 337 14.64 -30.69 2.28
CA TYR B 337 15.03 -31.99 2.83
C TYR B 337 16.33 -31.85 3.70
N LYS B 338 16.23 -32.33 4.93
CA LYS B 338 17.25 -32.14 6.00
C LYS B 338 17.69 -30.67 6.17
#